data_6AJ6
#
_entry.id   6AJ6
#
_cell.length_a   62.442
_cell.length_b   109.754
_cell.length_c   64.961
_cell.angle_alpha   90.00
_cell.angle_beta   89.98
_cell.angle_gamma   90.00
#
_symmetry.space_group_name_H-M   'P 1 21 1'
#
loop_
_entity.id
_entity.type
_entity.pdbx_description
1 polymer 'Isocitrate dehydrogenase [NADP]'
2 non-polymer 'NADP NICOTINAMIDE-ADENINE-DINUCLEOTIDE PHOSPHATE'
#
_entity_poly.entity_id   1
_entity_poly.type   'polypeptide(L)'
_entity_poly.pdbx_seq_one_letter_code
;SNKISATGVLVELDGDEMTRVIWKKIKETLIFPFVNVPIEYYDLSMENRDKTEDRVTVEAAYAIKKHGVGVKCATITPDE
ARVKEFNLKKMWRSPNGTIRTILGGTVFREPIICSNVPRLVTTWKKPVVIGRHAFGDQYSATDAVVKEPGTFEMRFIPAN
GGEPKVYKVFDYKSGGVMMGMYNTDDSIRDFARSCFEFALARKWPLYLSTKNTILKHYDGRFKDIFAEMYKALYETKFKT
CGIFYEHRLIDDMVAHCMRSEGGYVWACKNYDGDVQSDSLAQGFGSLGMMTSILMTPDGKTVEVEAAHGTVTRHYRDYQK
GKETSTNPVASIFAWTRALAHRARVDNNNTLLEFTQRLEDVIIATIEAGAMTEDLAICIKGEKNVVRADYLNTDEFIDAV
SQRLKVAMQKSKV
;
_entity_poly.pdbx_strand_id   A,C
#
# COMPACT_ATOMS: atom_id res chain seq x y z
N SER A 1 16.55 16.29 46.28
CA SER A 1 15.79 17.53 46.34
C SER A 1 16.18 18.34 45.14
N ASN A 2 16.54 17.67 44.07
CA ASN A 2 16.99 18.36 42.90
C ASN A 2 16.48 17.83 41.58
N LYS A 3 16.73 18.60 40.53
CA LYS A 3 16.29 18.21 39.23
C LYS A 3 16.93 16.90 38.86
N ILE A 4 16.72 16.44 37.64
CA ILE A 4 17.26 15.15 37.22
C ILE A 4 18.41 15.40 36.29
N SER A 5 19.59 14.88 36.56
CA SER A 5 20.68 15.06 35.61
C SER A 5 20.82 13.85 34.70
N ALA A 6 21.37 14.11 33.52
CA ALA A 6 21.91 13.11 32.61
C ALA A 6 23.44 13.19 32.56
N THR A 7 24.13 12.07 32.30
CA THR A 7 25.63 12.09 32.17
C THR A 7 26.10 12.66 30.82
N GLY A 8 25.79 11.94 29.76
CA GLY A 8 26.25 12.27 28.43
C GLY A 8 25.44 13.39 27.84
N VAL A 9 25.97 13.97 26.79
CA VAL A 9 25.55 15.26 26.26
C VAL A 9 24.49 15.07 25.20
N LEU A 10 23.49 15.94 25.20
CA LEU A 10 22.53 16.02 24.15
C LEU A 10 22.89 17.26 23.30
N VAL A 11 22.52 17.21 22.02
CA VAL A 11 22.86 18.21 21.05
C VAL A 11 21.60 18.83 20.39
N GLU A 12 21.33 20.08 20.77
CA GLU A 12 20.21 20.85 20.28
C GLU A 12 20.50 21.45 18.88
N LEU A 13 19.46 21.51 18.05
CA LEU A 13 19.53 21.92 16.67
C LEU A 13 18.55 23.01 16.36
N ASP A 14 18.24 23.85 17.34
CA ASP A 14 17.30 24.97 17.17
C ASP A 14 17.20 25.49 15.69
N GLY A 15 15.98 25.60 15.20
CA GLY A 15 15.67 25.73 13.74
C GLY A 15 15.16 27.14 13.49
N ASP A 16 14.07 27.28 12.75
CA ASP A 16 13.43 28.60 12.60
C ASP A 16 11.88 28.55 12.44
N GLU A 17 11.27 29.71 12.14
CA GLU A 17 9.81 29.88 11.85
C GLU A 17 8.91 29.55 13.06
N MET A 18 7.78 28.85 12.87
CA MET A 18 6.85 28.59 13.99
C MET A 18 7.37 27.60 15.03
N THR A 19 8.12 26.58 14.58
CA THR A 19 8.67 25.53 15.43
C THR A 19 9.59 26.11 16.47
N ARG A 20 10.45 27.02 16.00
CA ARG A 20 11.47 27.64 16.87
C ARG A 20 10.86 28.51 17.97
N VAL A 21 9.65 29.01 17.74
CA VAL A 21 8.85 29.58 18.82
C VAL A 21 8.60 28.45 19.84
N ILE A 22 7.78 27.47 19.46
CA ILE A 22 7.27 26.48 20.42
C ILE A 22 8.43 25.83 21.18
N TRP A 23 9.49 25.51 20.43
CA TRP A 23 10.75 24.99 20.99
C TRP A 23 11.22 25.71 22.24
N LYS A 24 11.01 27.03 22.36
CA LYS A 24 11.35 27.70 23.60
C LYS A 24 10.43 27.17 24.65
N LYS A 25 9.12 27.37 24.53
CA LYS A 25 8.23 27.02 25.68
C LYS A 25 8.20 25.54 25.98
N ILE A 26 8.32 24.68 24.97
CA ILE A 26 8.42 23.22 25.22
C ILE A 26 9.63 22.98 26.06
N LYS A 27 10.70 23.58 25.56
CA LYS A 27 12.02 23.50 26.15
C LYS A 27 12.12 24.28 27.46
N GLU A 28 11.24 25.24 27.67
CA GLU A 28 11.18 25.96 28.94
C GLU A 28 10.21 25.32 29.96
N THR A 29 8.92 25.28 29.63
CA THR A 29 7.89 24.66 30.44
C THR A 29 8.18 23.28 31.06
N LEU A 30 8.61 22.37 30.18
CA LEU A 30 8.61 20.92 30.41
C LEU A 30 9.96 20.27 30.62
N ILE A 31 10.91 20.73 29.81
CA ILE A 31 12.22 20.16 29.80
C ILE A 31 13.05 20.59 31.02
N PHE A 32 13.78 21.70 30.95
CA PHE A 32 14.72 22.03 32.02
C PHE A 32 14.10 22.26 33.42
N PRO A 33 12.81 22.50 33.50
CA PRO A 33 12.30 22.61 34.85
C PRO A 33 12.44 21.40 35.73
N PHE A 34 12.65 20.23 35.14
CA PHE A 34 12.82 19.02 35.94
C PHE A 34 14.13 18.31 35.63
N VAL A 35 14.92 18.89 34.72
CA VAL A 35 15.93 18.17 33.97
C VAL A 35 17.26 18.92 33.75
N ASN A 36 18.23 18.61 34.59
CA ASN A 36 19.62 18.88 34.25
C ASN A 36 20.08 17.98 33.05
N VAL A 37 21.08 18.45 32.32
CA VAL A 37 21.37 18.00 30.95
C VAL A 37 22.60 18.69 30.43
N PRO A 38 23.42 17.99 29.63
CA PRO A 38 24.43 18.67 28.86
C PRO A 38 23.98 18.85 27.43
N ILE A 39 23.90 20.08 26.98
CA ILE A 39 23.56 20.33 25.59
C ILE A 39 24.75 20.98 24.90
N GLU A 40 24.74 20.89 23.59
CA GLU A 40 25.69 21.59 22.79
C GLU A 40 24.88 22.17 21.62
N TYR A 41 24.66 23.47 21.70
CA TYR A 41 23.55 24.13 21.00
C TYR A 41 23.90 24.53 19.64
N TYR A 42 23.12 24.03 18.72
CA TYR A 42 23.27 24.49 17.37
C TYR A 42 22.03 25.31 17.12
N ASP A 43 22.26 26.58 16.78
CA ASP A 43 21.28 27.37 16.10
C ASP A 43 21.47 27.18 14.64
N LEU A 44 20.56 26.41 14.10
CA LEU A 44 20.41 26.25 12.72
C LEU A 44 19.25 27.17 12.36
N SER A 45 19.45 28.49 12.43
CA SER A 45 18.42 29.47 11.99
C SER A 45 18.95 30.10 10.73
N MET A 46 18.10 30.27 9.71
CA MET A 46 18.54 30.74 8.38
C MET A 46 19.53 31.86 8.62
N GLU A 47 19.04 32.90 9.30
CA GLU A 47 19.82 34.08 9.67
C GLU A 47 21.20 33.69 10.16
N ASN A 48 21.28 32.63 10.97
CA ASN A 48 22.52 32.11 11.55
C ASN A 48 23.11 30.86 10.88
N ARG A 49 22.49 30.44 9.79
CA ARG A 49 23.10 29.49 8.85
C ARG A 49 23.47 30.16 7.54
N ASP A 50 22.91 31.35 7.34
CA ASP A 50 23.26 32.21 6.24
C ASP A 50 24.64 32.74 6.50
N LYS A 51 24.85 33.33 7.68
CA LYS A 51 26.11 33.97 8.01
C LYS A 51 27.17 33.04 7.57
N THR A 52 27.07 31.80 7.98
CA THR A 52 28.03 30.82 7.54
C THR A 52 27.90 30.32 6.12
N GLU A 53 28.86 30.65 5.27
CA GLU A 53 28.91 30.12 3.91
C GLU A 53 29.44 28.80 4.33
N ASP A 54 28.85 27.68 3.93
CA ASP A 54 29.31 26.38 4.39
C ASP A 54 28.70 26.44 5.75
N ARG A 55 27.75 25.57 5.97
CA ARG A 55 26.99 25.62 7.18
C ARG A 55 27.39 25.14 8.55
N VAL A 56 26.62 25.62 9.50
CA VAL A 56 26.76 25.28 10.86
C VAL A 56 26.44 23.83 10.90
N THR A 57 25.42 23.48 10.15
CA THR A 57 24.88 22.10 10.06
C THR A 57 25.96 21.00 9.88
N VAL A 58 27.08 21.28 9.21
CA VAL A 58 28.11 20.22 9.13
C VAL A 58 28.79 20.03 10.49
N GLU A 59 28.85 21.06 11.32
CA GLU A 59 29.42 20.85 12.63
C GLU A 59 28.46 20.15 13.54
N ALA A 60 27.18 20.60 13.54
CA ALA A 60 26.04 19.95 14.28
C ALA A 60 25.92 18.51 13.88
N ALA A 61 25.81 18.24 12.60
CA ALA A 61 25.83 16.88 12.10
C ALA A 61 26.98 16.08 12.65
N TYR A 62 28.17 16.67 12.69
CA TYR A 62 29.37 16.03 13.24
C TYR A 62 29.38 15.98 14.82
N ALA A 63 28.75 16.98 15.40
CA ALA A 63 28.41 16.95 16.80
C ALA A 63 27.66 15.64 17.14
N ILE A 64 26.61 15.33 16.36
CA ILE A 64 25.65 14.34 16.80
C ILE A 64 26.31 13.01 16.68
N LYS A 65 26.96 12.80 15.54
CA LYS A 65 27.96 11.73 15.37
C LYS A 65 28.61 11.32 16.74
N LYS A 66 29.42 12.24 17.28
CA LYS A 66 30.27 12.00 18.45
C LYS A 66 29.48 11.68 19.69
N HIS A 67 28.29 12.24 19.75
CA HIS A 67 27.48 12.22 20.95
C HIS A 67 26.41 11.12 20.98
N GLY A 68 26.13 10.54 19.80
CA GLY A 68 25.17 9.45 19.70
C GLY A 68 23.69 9.76 19.96
N VAL A 69 23.35 11.06 20.07
CA VAL A 69 21.95 11.57 20.28
C VAL A 69 21.89 12.98 19.76
N GLY A 70 20.74 13.34 19.18
CA GLY A 70 20.55 14.65 18.60
C GLY A 70 19.11 15.02 18.38
N VAL A 71 18.82 16.33 18.45
CA VAL A 71 17.44 16.77 18.54
C VAL A 71 17.02 18.18 17.99
N LYS A 72 16.47 18.22 16.75
CA LYS A 72 15.47 19.21 16.27
C LYS A 72 15.21 19.14 14.77
N CYS A 73 16.25 19.50 14.02
CA CYS A 73 16.25 19.72 12.57
C CYS A 73 14.91 20.18 11.88
N ALA A 74 14.19 21.16 12.47
CA ALA A 74 12.90 21.62 11.91
C ALA A 74 13.25 22.59 10.80
N THR A 75 13.12 22.04 9.60
CA THR A 75 13.89 22.44 8.42
C THR A 75 13.40 23.76 7.80
N ILE A 76 14.07 24.16 6.73
CA ILE A 76 13.67 25.33 5.91
C ILE A 76 14.08 25.17 4.47
N THR A 77 14.43 23.94 4.05
CA THR A 77 15.20 23.72 2.83
C THR A 77 14.96 24.88 1.89
N PRO A 78 15.88 25.87 1.86
CA PRO A 78 15.53 27.16 1.26
C PRO A 78 15.25 27.12 -0.23
N ASP A 79 15.08 28.31 -0.80
CA ASP A 79 14.23 28.43 -1.97
C ASP A 79 14.79 29.40 -2.99
N GLU A 80 14.04 29.45 -4.06
CA GLU A 80 14.22 30.41 -5.11
C GLU A 80 13.47 31.60 -4.56
N ALA A 81 12.25 31.33 -4.10
CA ALA A 81 11.37 32.32 -3.50
C ALA A 81 11.61 32.54 -2.00
N ARG A 82 12.73 32.00 -1.54
CA ARG A 82 13.07 32.10 -0.17
C ARG A 82 14.31 32.96 -0.07
N VAL A 83 15.25 32.79 -0.99
CA VAL A 83 16.48 33.59 -0.94
C VAL A 83 16.02 35.02 -1.01
N LYS A 84 14.97 35.23 -1.78
CA LYS A 84 14.34 36.52 -1.92
C LYS A 84 13.98 36.90 -0.52
N GLU A 85 13.41 35.94 0.17
CA GLU A 85 13.02 36.17 1.52
C GLU A 85 14.30 36.45 2.26
N PHE A 86 14.26 37.50 3.02
CA PHE A 86 15.36 37.87 3.87
C PHE A 86 16.78 37.99 3.35
N ASN A 87 17.00 38.57 2.19
CA ASN A 87 18.36 38.80 1.78
C ASN A 87 19.30 37.62 1.89
N LEU A 88 18.90 36.50 1.36
CA LEU A 88 19.79 35.38 1.45
C LEU A 88 20.95 35.45 0.51
N LYS A 89 21.89 34.56 0.77
CA LYS A 89 23.09 34.32 0.03
C LYS A 89 22.70 33.14 -0.81
N LYS A 90 23.59 32.59 -1.61
CA LYS A 90 23.19 31.53 -2.51
C LYS A 90 23.19 30.02 -2.27
N MET A 91 21.98 29.49 -2.43
CA MET A 91 21.51 28.07 -2.41
C MET A 91 21.31 27.32 -1.07
N TRP A 92 22.38 27.07 -0.33
CA TRP A 92 22.26 26.42 0.96
C TRP A 92 21.85 24.95 1.05
N ARG A 93 20.97 24.48 0.18
CA ARG A 93 20.57 23.09 0.25
C ARG A 93 19.73 23.00 1.45
N SER A 94 19.51 21.78 1.95
CA SER A 94 18.65 21.53 3.08
C SER A 94 19.40 20.85 4.13
N PRO A 95 19.12 21.14 5.39
CA PRO A 95 19.87 20.41 6.41
C PRO A 95 19.54 18.98 6.41
N ASN A 96 18.28 18.74 6.61
CA ASN A 96 17.88 17.37 6.58
C ASN A 96 18.58 16.65 5.47
N GLY A 97 18.93 17.33 4.40
CA GLY A 97 19.73 16.69 3.37
C GLY A 97 21.09 16.35 3.93
N THR A 98 21.86 17.40 4.16
CA THR A 98 23.23 17.29 4.55
C THR A 98 23.40 16.19 5.58
N ILE A 99 22.64 16.32 6.66
CA ILE A 99 22.87 15.58 7.90
C ILE A 99 22.75 14.05 7.70
N ARG A 100 21.54 13.58 7.37
CA ARG A 100 21.34 12.21 6.92
C ARG A 100 22.52 11.74 6.05
N THR A 101 23.03 12.61 5.19
CA THR A 101 24.13 12.22 4.30
C THR A 101 25.41 11.81 5.09
N ILE A 102 25.77 12.63 6.07
CA ILE A 102 26.89 12.38 6.99
C ILE A 102 26.58 11.19 7.88
N LEU A 103 25.52 11.35 8.68
CA LEU A 103 25.24 10.49 9.80
C LEU A 103 25.03 9.12 9.23
N GLY A 104 24.46 9.10 8.03
CA GLY A 104 24.11 7.85 7.40
C GLY A 104 22.78 7.35 7.91
N GLY A 105 22.45 6.13 7.48
CA GLY A 105 21.42 5.34 8.15
C GLY A 105 19.98 5.77 8.00
N THR A 106 19.14 5.34 8.94
CA THR A 106 17.79 5.06 8.56
C THR A 106 16.69 5.67 9.46
N VAL A 107 15.72 6.32 8.78
CA VAL A 107 14.75 7.17 9.43
C VAL A 107 13.57 6.33 9.63
N PHE A 108 12.97 6.53 10.80
CA PHE A 108 11.91 5.73 11.33
C PHE A 108 10.82 6.61 11.88
N ARG A 109 9.57 6.36 11.45
CA ARG A 109 8.44 7.18 11.88
C ARG A 109 7.42 6.46 12.79
N GLU A 110 7.17 7.02 13.97
CA GLU A 110 6.33 6.41 15.02
C GLU A 110 5.19 7.42 15.30
N PRO A 111 3.95 6.98 15.11
CA PRO A 111 2.72 7.67 15.43
C PRO A 111 2.51 7.85 16.88
N ILE A 112 2.11 9.06 17.24
CA ILE A 112 1.55 9.36 18.54
C ILE A 112 0.08 8.99 18.47
N ILE A 113 -0.34 8.23 19.49
CA ILE A 113 -1.53 7.38 19.47
C ILE A 113 -2.31 7.52 20.80
N CYS A 114 -3.49 8.15 20.74
CA CYS A 114 -4.32 8.25 21.95
C CYS A 114 -5.78 7.92 21.69
N SER A 115 -6.48 7.55 22.77
CA SER A 115 -7.72 6.76 22.65
C SER A 115 -8.83 7.44 21.88
N ASN A 116 -9.19 8.63 22.35
CA ASN A 116 -10.24 9.43 21.73
C ASN A 116 -10.05 9.85 20.25
N VAL A 117 -8.86 10.33 19.86
CA VAL A 117 -8.62 10.68 18.44
C VAL A 117 -8.47 9.40 17.60
N PRO A 118 -9.16 9.34 16.43
CA PRO A 118 -9.30 8.04 15.80
C PRO A 118 -8.14 7.67 14.85
N ARG A 119 -7.77 6.40 14.89
CA ARG A 119 -7.00 5.79 13.80
C ARG A 119 -7.98 5.60 12.66
N LEU A 120 -7.53 5.85 11.43
CA LEU A 120 -8.39 5.64 10.27
C LEU A 120 -8.49 4.13 9.88
N VAL A 121 -7.93 3.24 10.72
CA VAL A 121 -8.37 1.84 10.83
C VAL A 121 -8.36 1.49 12.32
N THR A 122 -9.52 1.08 12.79
CA THR A 122 -9.82 0.98 14.22
C THR A 122 -9.00 -0.10 14.95
N THR A 123 -8.41 -1.03 14.20
CA THR A 123 -7.58 -2.11 14.78
C THR A 123 -6.42 -1.64 15.65
N TRP A 124 -5.82 -0.49 15.33
CA TRP A 124 -4.50 -0.14 15.87
C TRP A 124 -4.49 0.31 17.31
N LYS A 125 -4.47 -0.66 18.22
CA LYS A 125 -4.46 -0.37 19.67
C LYS A 125 -3.08 0.08 20.14
N LYS A 126 -2.07 -0.07 19.27
CA LYS A 126 -0.71 0.40 19.50
C LYS A 126 -0.09 1.09 18.27
N PRO A 127 1.07 1.77 18.44
CA PRO A 127 1.79 2.49 17.36
C PRO A 127 2.74 1.63 16.54
N VAL A 128 2.80 1.87 15.24
CA VAL A 128 3.69 1.10 14.38
C VAL A 128 4.65 2.05 13.68
N VAL A 129 5.89 1.60 13.55
CA VAL A 129 6.91 2.42 12.96
C VAL A 129 7.00 2.01 11.50
N ILE A 130 7.82 2.74 10.75
CA ILE A 130 8.31 2.25 9.48
C ILE A 130 9.75 2.64 9.23
N GLY A 131 10.51 1.70 8.71
CA GLY A 131 11.85 1.96 8.21
C GLY A 131 11.78 1.91 6.71
N ARG A 132 12.15 2.98 6.04
CA ARG A 132 12.12 2.99 4.59
C ARG A 132 13.53 2.71 4.26
N HIS A 133 13.80 2.33 3.02
CA HIS A 133 15.21 2.20 2.60
C HIS A 133 15.90 3.60 2.32
N ALA A 134 15.54 4.25 1.20
CA ALA A 134 15.99 5.64 0.79
C ALA A 134 17.43 5.90 0.26
N PHE A 135 17.59 5.77 -1.06
CA PHE A 135 18.83 5.89 -1.87
C PHE A 135 18.79 4.72 -2.85
N GLY A 136 19.41 4.91 -4.01
CA GLY A 136 19.76 3.84 -4.95
C GLY A 136 18.97 2.55 -4.86
N ASP A 137 17.65 2.65 -4.96
CA ASP A 137 16.81 1.62 -5.58
C ASP A 137 16.45 2.34 -6.90
N GLN A 138 15.16 2.67 -7.15
CA GLN A 138 14.74 3.70 -8.18
C GLN A 138 15.06 5.20 -7.81
N TYR A 139 15.61 5.39 -6.62
CA TYR A 139 15.86 6.69 -5.98
C TYR A 139 17.08 7.41 -6.60
N SER A 140 18.21 6.71 -6.64
CA SER A 140 19.18 6.91 -7.71
C SER A 140 19.01 5.66 -8.57
N ALA A 141 18.22 5.80 -9.64
CA ALA A 141 18.18 4.83 -10.75
C ALA A 141 17.49 5.42 -11.99
N THR A 142 18.27 6.03 -12.88
CA THR A 142 17.69 6.88 -13.93
C THR A 142 16.92 6.06 -14.97
N ASP A 143 16.34 6.78 -15.92
CA ASP A 143 15.48 6.22 -16.94
C ASP A 143 15.35 7.22 -18.09
N ALA A 144 15.03 6.73 -19.28
CA ALA A 144 14.72 7.57 -20.41
C ALA A 144 13.61 6.96 -21.18
N VAL A 145 13.05 7.72 -22.11
CA VAL A 145 11.96 7.23 -22.94
C VAL A 145 12.66 6.62 -24.13
N VAL A 146 12.02 5.63 -24.72
CA VAL A 146 12.49 5.03 -25.93
C VAL A 146 11.57 5.54 -26.99
N LYS A 147 12.10 6.33 -27.91
CA LYS A 147 11.27 7.07 -28.84
C LYS A 147 11.16 6.48 -30.25
N GLU A 148 11.87 5.39 -30.53
CA GLU A 148 11.73 4.69 -31.79
C GLU A 148 12.12 3.25 -31.60
N PRO A 149 11.69 2.37 -32.53
CA PRO A 149 12.01 0.95 -32.48
C PRO A 149 13.49 0.61 -32.42
N GLY A 150 13.84 -0.25 -31.48
CA GLY A 150 15.22 -0.50 -31.11
C GLY A 150 15.38 -1.19 -29.77
N THR A 151 16.55 -1.75 -29.55
CA THR A 151 16.78 -2.67 -28.45
C THR A 151 17.46 -1.98 -27.26
N PHE A 152 17.02 -2.42 -26.09
CA PHE A 152 17.45 -1.96 -24.81
C PHE A 152 18.19 -3.19 -24.23
N GLU A 153 19.47 -3.03 -23.95
CA GLU A 153 20.31 -4.11 -23.46
C GLU A 153 20.87 -3.67 -22.12
N MET A 154 21.30 -4.62 -21.30
CA MET A 154 22.03 -4.34 -20.08
C MET A 154 23.39 -4.97 -20.18
N ARG A 155 24.37 -4.35 -19.57
CA ARG A 155 25.72 -4.88 -19.53
C ARG A 155 26.36 -4.66 -18.15
N PHE A 156 26.68 -5.74 -17.42
CA PHE A 156 27.69 -5.65 -16.37
C PHE A 156 29.09 -5.80 -17.01
N ILE A 157 29.93 -4.79 -16.79
CA ILE A 157 31.33 -4.83 -17.17
C ILE A 157 32.05 -4.91 -15.81
N PRO A 158 32.95 -5.90 -15.62
CA PRO A 158 33.68 -5.93 -14.34
C PRO A 158 34.62 -4.75 -14.10
N ALA A 159 35.37 -4.79 -13.01
CA ALA A 159 36.57 -3.95 -12.86
C ALA A 159 37.73 -4.82 -12.40
N ASN A 160 37.91 -5.93 -13.12
CA ASN A 160 39.20 -6.61 -13.29
C ASN A 160 39.50 -6.89 -14.77
N GLY A 161 38.51 -7.42 -15.50
CA GLY A 161 38.65 -7.71 -16.92
C GLY A 161 38.04 -9.01 -17.43
N GLY A 162 37.31 -9.75 -16.59
CA GLY A 162 36.69 -11.01 -17.03
C GLY A 162 35.62 -10.76 -18.08
N GLU A 163 35.25 -11.82 -18.81
CA GLU A 163 34.09 -11.80 -19.72
C GLU A 163 33.00 -10.93 -19.13
N PRO A 164 32.53 -9.93 -19.88
CA PRO A 164 31.31 -9.25 -19.47
C PRO A 164 30.03 -10.08 -19.72
N LYS A 165 28.97 -9.71 -19.00
CA LYS A 165 27.66 -10.37 -19.04
C LYS A 165 26.73 -9.41 -19.75
N VAL A 166 25.68 -9.93 -20.38
CA VAL A 166 24.84 -9.12 -21.31
C VAL A 166 23.45 -9.77 -21.61
N TYR A 167 22.42 -8.91 -21.61
CA TYR A 167 21.04 -9.34 -21.55
C TYR A 167 20.22 -8.55 -22.58
N LYS A 168 19.63 -9.25 -23.54
CA LYS A 168 18.73 -8.62 -24.52
C LYS A 168 17.36 -8.70 -23.87
N VAL A 169 17.13 -7.78 -22.96
CA VAL A 169 15.92 -7.80 -22.13
C VAL A 169 14.64 -7.73 -23.00
N PHE A 170 14.65 -6.84 -23.99
CA PHE A 170 13.46 -6.48 -24.74
C PHE A 170 13.75 -5.56 -25.92
N ASP A 171 13.03 -5.78 -27.02
CA ASP A 171 13.13 -5.00 -28.26
C ASP A 171 11.77 -4.34 -28.51
N TYR A 172 11.80 -3.09 -28.95
CA TYR A 172 10.61 -2.28 -29.04
C TYR A 172 10.03 -2.24 -30.47
N LYS A 173 8.91 -2.93 -30.67
CA LYS A 173 8.16 -2.86 -31.94
C LYS A 173 7.86 -1.39 -32.27
N SER A 174 7.68 -0.57 -31.23
CA SER A 174 7.72 0.88 -31.34
C SER A 174 7.40 1.51 -30.01
N GLY A 175 8.24 2.46 -29.60
CA GLY A 175 7.82 3.54 -28.67
C GLY A 175 8.10 3.24 -27.23
N GLY A 176 7.56 4.05 -26.33
CA GLY A 176 7.49 3.63 -24.93
C GLY A 176 8.38 4.29 -23.93
N VAL A 177 9.18 3.46 -23.25
CA VAL A 177 9.95 3.86 -22.07
C VAL A 177 10.80 2.66 -21.59
N MET A 178 11.85 2.99 -20.81
CA MET A 178 12.84 2.01 -20.27
C MET A 178 13.31 2.48 -18.93
N MET A 179 13.87 1.58 -18.11
CA MET A 179 14.35 1.95 -16.76
C MET A 179 15.04 0.79 -16.08
N GLY A 180 16.24 1.08 -15.58
CA GLY A 180 17.03 0.16 -14.77
C GLY A 180 17.46 0.72 -13.43
N MET A 181 17.84 -0.18 -12.55
CA MET A 181 17.91 0.05 -11.13
C MET A 181 19.00 -0.81 -10.54
N TYR A 182 19.67 -0.30 -9.51
CA TYR A 182 20.88 -0.95 -8.93
C TYR A 182 20.95 -0.81 -7.41
N ASN A 183 21.27 -1.88 -6.64
CA ASN A 183 21.29 -1.77 -5.16
C ASN A 183 22.28 -2.69 -4.34
N THR A 184 23.43 -2.12 -3.93
CA THR A 184 24.54 -2.87 -3.30
C THR A 184 24.24 -3.40 -1.88
N ASP A 185 24.90 -4.51 -1.55
CA ASP A 185 24.70 -5.26 -0.33
C ASP A 185 25.02 -4.41 0.89
N ASP A 186 26.18 -3.76 0.88
CA ASP A 186 26.50 -2.78 1.92
C ASP A 186 25.26 -1.89 2.16
N SER A 187 24.58 -1.37 1.14
CA SER A 187 23.32 -0.63 1.44
C SER A 187 22.38 -1.49 2.26
N ILE A 188 22.04 -2.65 1.72
CA ILE A 188 21.06 -3.51 2.35
C ILE A 188 21.52 -3.79 3.77
N ARG A 189 22.82 -4.14 3.90
CA ARG A 189 23.49 -4.51 5.16
C ARG A 189 23.37 -3.37 6.15
N ASP A 190 23.36 -2.12 5.64
CA ASP A 190 23.10 -0.89 6.45
C ASP A 190 21.61 -0.74 6.85
N PHE A 191 20.71 -0.97 5.88
CA PHE A 191 19.27 -0.91 6.13
C PHE A 191 18.88 -1.95 7.18
N ALA A 192 19.52 -3.12 7.15
CA ALA A 192 19.17 -4.23 8.05
C ALA A 192 19.55 -3.94 9.48
N ARG A 193 20.84 -3.65 9.66
CA ARG A 193 21.45 -3.29 10.93
C ARG A 193 20.64 -2.24 11.62
N SER A 194 20.34 -1.14 10.91
CA SER A 194 19.62 -0.01 11.52
C SER A 194 18.38 -0.57 12.10
N CYS A 195 17.52 -1.14 11.23
CA CYS A 195 16.33 -1.88 11.70
C CYS A 195 16.67 -2.75 12.93
N PHE A 196 17.40 -3.84 12.72
CA PHE A 196 17.71 -4.71 13.82
C PHE A 196 18.06 -3.97 15.12
N GLU A 197 18.97 -2.98 15.04
CA GLU A 197 19.44 -2.16 16.22
C GLU A 197 18.36 -1.31 16.86
N PHE A 198 17.42 -0.88 15.99
CA PHE A 198 16.32 -0.04 16.34
C PHE A 198 15.14 -0.78 16.96
N ALA A 199 14.89 -2.03 16.55
CA ALA A 199 13.83 -2.85 17.19
C ALA A 199 14.33 -3.30 18.58
N LEU A 200 15.61 -3.66 18.54
CA LEU A 200 16.38 -4.08 19.67
C LEU A 200 16.16 -3.12 20.76
N ALA A 201 16.46 -1.83 20.58
CA ALA A 201 16.24 -0.83 21.66
C ALA A 201 14.74 -0.56 21.97
N ARG A 202 13.87 -0.61 20.95
CA ARG A 202 12.46 -0.36 21.25
C ARG A 202 11.78 -1.53 22.00
N LYS A 203 12.39 -2.71 21.97
CA LYS A 203 11.81 -3.94 22.49
C LYS A 203 10.68 -4.39 21.59
N TRP A 204 10.67 -3.96 20.32
CA TRP A 204 9.61 -4.35 19.41
C TRP A 204 10.12 -5.30 18.38
N PRO A 205 9.29 -6.27 17.98
CA PRO A 205 9.64 -7.24 16.94
C PRO A 205 9.95 -6.65 15.62
N LEU A 206 10.34 -7.48 14.69
CA LEU A 206 10.53 -6.99 13.33
C LEU A 206 9.88 -7.80 12.16
N TYR A 207 9.23 -7.09 11.25
CA TYR A 207 8.78 -7.70 10.01
C TYR A 207 9.42 -6.88 8.95
N LEU A 208 9.89 -7.58 7.93
CA LEU A 208 10.34 -6.93 6.73
C LEU A 208 9.10 -6.98 5.80
N SER A 209 9.22 -6.40 4.61
CA SER A 209 8.31 -6.66 3.47
C SER A 209 9.03 -6.41 2.13
N THR A 210 9.11 -7.50 1.35
CA THR A 210 9.72 -7.56 0.02
C THR A 210 8.79 -8.33 -0.95
N LYS A 211 9.25 -8.50 -2.20
CA LYS A 211 8.57 -9.29 -3.23
C LYS A 211 9.60 -10.13 -4.03
N ASN A 212 10.23 -11.08 -3.32
CA ASN A 212 11.25 -11.98 -3.91
C ASN A 212 10.70 -13.03 -4.89
N THR A 213 9.50 -13.53 -4.63
CA THR A 213 8.82 -14.46 -5.51
C THR A 213 8.83 -13.95 -6.94
N ILE A 214 8.44 -12.67 -7.10
CA ILE A 214 8.27 -12.00 -8.40
C ILE A 214 9.44 -11.08 -8.79
N LEU A 215 10.54 -11.16 -8.04
CA LEU A 215 11.82 -10.56 -8.42
C LEU A 215 13.00 -11.31 -7.73
N LYS A 216 13.49 -12.33 -8.42
CA LYS A 216 14.14 -13.47 -7.75
C LYS A 216 15.44 -13.04 -7.18
N HIS A 217 16.27 -12.47 -8.05
CA HIS A 217 17.62 -12.05 -7.69
C HIS A 217 17.67 -10.78 -6.84
N TYR A 218 16.83 -9.79 -7.21
CA TYR A 218 16.82 -8.42 -6.61
C TYR A 218 16.22 -8.46 -5.24
N ASP A 219 15.08 -9.11 -5.12
CA ASP A 219 14.32 -9.08 -3.88
C ASP A 219 14.55 -10.33 -3.01
N GLY A 220 14.96 -11.43 -3.65
CA GLY A 220 15.61 -12.51 -2.91
C GLY A 220 16.68 -11.91 -2.03
N ARG A 221 17.54 -11.08 -2.61
CA ARG A 221 18.68 -10.47 -1.92
C ARG A 221 18.43 -9.91 -0.49
N PHE A 222 17.24 -9.39 -0.19
CA PHE A 222 16.93 -8.81 1.13
C PHE A 222 16.35 -9.87 2.07
N LYS A 223 15.34 -10.61 1.57
CA LYS A 223 14.76 -11.82 2.24
C LYS A 223 15.90 -12.62 2.87
N ASP A 224 16.97 -12.74 2.07
CA ASP A 224 18.25 -13.30 2.49
C ASP A 224 18.95 -12.48 3.65
N ILE A 225 19.53 -11.33 3.30
CA ILE A 225 20.44 -10.56 4.20
C ILE A 225 19.97 -10.43 5.66
N PHE A 226 18.67 -10.18 5.87
CA PHE A 226 18.15 -10.03 7.24
C PHE A 226 18.12 -11.39 7.95
N ALA A 227 17.90 -12.45 7.16
CA ALA A 227 17.85 -13.80 7.71
C ALA A 227 19.18 -14.11 8.36
N GLU A 228 20.22 -14.16 7.53
CA GLU A 228 21.58 -14.42 8.02
C GLU A 228 21.87 -13.52 9.22
N MET A 229 21.70 -12.21 9.03
CA MET A 229 22.06 -11.21 10.04
C MET A 229 21.39 -11.47 11.36
N TYR A 230 20.08 -11.68 11.32
CA TYR A 230 19.31 -12.05 12.53
C TYR A 230 20.05 -13.11 13.33
N LYS A 231 20.27 -14.27 12.70
CA LYS A 231 20.89 -15.45 13.36
C LYS A 231 22.38 -15.26 13.58
N ALA A 232 23.04 -14.55 12.66
CA ALA A 232 24.42 -14.11 12.83
C ALA A 232 24.57 -13.12 13.96
N LEU A 233 24.00 -11.93 13.82
CA LEU A 233 24.32 -10.79 14.68
C LEU A 233 23.20 -10.25 15.66
N TYR A 234 21.99 -10.82 15.68
CA TYR A 234 20.92 -10.28 16.53
C TYR A 234 20.15 -11.37 17.33
N GLU A 235 19.28 -12.13 16.65
CA GLU A 235 18.43 -13.22 17.20
C GLU A 235 18.52 -13.45 18.71
N THR A 236 19.60 -14.07 19.16
CA THR A 236 19.63 -14.53 20.53
C THR A 236 19.40 -13.36 21.52
N LYS A 237 19.77 -12.15 21.10
CA LYS A 237 19.64 -10.93 21.90
C LYS A 237 18.22 -10.43 21.84
N PHE A 238 17.59 -10.68 20.68
CA PHE A 238 16.16 -10.50 20.54
C PHE A 238 15.47 -11.56 21.39
N LYS A 239 15.87 -12.82 21.22
CA LYS A 239 15.30 -13.92 21.99
C LYS A 239 15.33 -13.51 23.46
N THR A 240 16.51 -13.18 23.98
CA THR A 240 16.67 -12.47 25.25
C THR A 240 15.60 -11.42 25.53
N CYS A 241 15.50 -10.39 24.70
CA CYS A 241 14.49 -9.31 24.93
C CYS A 241 13.04 -9.62 24.46
N GLY A 242 12.71 -10.90 24.33
CA GLY A 242 11.40 -11.32 23.86
C GLY A 242 10.87 -10.78 22.53
N ILE A 243 11.79 -10.41 21.63
CA ILE A 243 11.43 -9.91 20.30
C ILE A 243 11.89 -10.88 19.25
N PHE A 244 11.58 -10.61 18.00
CA PHE A 244 11.85 -11.56 16.94
C PHE A 244 11.90 -10.89 15.58
N TYR A 245 12.10 -11.70 14.57
CA TYR A 245 12.10 -11.26 13.24
C TYR A 245 11.43 -12.36 12.45
N GLU A 246 10.42 -11.95 11.69
CA GLU A 246 9.79 -12.78 10.65
C GLU A 246 9.72 -11.87 9.42
N HIS A 247 9.51 -12.49 8.27
CA HIS A 247 9.38 -11.79 6.99
C HIS A 247 8.02 -12.14 6.42
N ARG A 248 7.42 -11.19 5.71
CA ARG A 248 6.20 -11.44 4.96
C ARG A 248 6.23 -10.74 3.61
N LEU A 249 5.45 -11.27 2.66
CA LEU A 249 5.34 -10.68 1.33
C LEU A 249 4.70 -9.30 1.46
N ILE A 250 5.24 -8.33 0.70
CA ILE A 250 4.67 -6.95 0.60
C ILE A 250 3.14 -7.01 0.48
N ASP A 251 2.68 -7.93 -0.34
CA ASP A 251 1.26 -8.24 -0.52
C ASP A 251 0.55 -8.52 0.83
N ASP A 252 1.12 -9.48 1.57
CA ASP A 252 0.67 -9.83 2.91
C ASP A 252 0.92 -8.68 3.90
N MET A 253 2.00 -7.91 3.73
CA MET A 253 2.39 -6.93 4.76
C MET A 253 1.66 -5.55 4.79
N VAL A 254 1.07 -5.10 3.68
CA VAL A 254 0.08 -3.99 3.75
C VAL A 254 -1.27 -4.49 4.33
N ALA A 255 -1.57 -5.77 4.07
CA ALA A 255 -2.77 -6.43 4.57
C ALA A 255 -2.67 -6.75 6.06
N HIS A 256 -1.50 -7.20 6.51
CA HIS A 256 -1.26 -7.41 7.95
C HIS A 256 -1.33 -6.10 8.74
N CYS A 257 -0.67 -5.07 8.22
CA CYS A 257 -0.72 -3.69 8.77
C CYS A 257 -2.15 -3.32 9.21
N MET A 258 -3.09 -3.50 8.29
CA MET A 258 -4.54 -3.24 8.50
C MET A 258 -5.17 -4.03 9.67
N ARG A 259 -4.87 -5.34 9.72
CA ARG A 259 -5.48 -6.32 10.65
C ARG A 259 -4.69 -6.55 11.96
N SER A 260 -3.42 -6.17 11.94
CA SER A 260 -2.56 -6.30 13.11
C SER A 260 -2.79 -5.16 14.08
N GLU A 261 -2.63 -5.46 15.36
CA GLU A 261 -2.93 -4.54 16.46
C GLU A 261 -1.99 -3.31 16.57
N GLY A 262 -0.68 -3.51 16.32
CA GLY A 262 0.35 -2.46 16.46
C GLY A 262 1.34 -2.77 17.57
N GLY A 263 2.49 -2.08 17.60
CA GLY A 263 3.62 -2.33 18.56
C GLY A 263 4.86 -3.11 18.05
N TYR A 264 5.12 -2.98 16.76
CA TYR A 264 6.17 -3.71 16.05
C TYR A 264 6.74 -2.79 14.98
N VAL A 265 8.02 -2.90 14.69
CA VAL A 265 8.64 -2.04 13.69
C VAL A 265 8.48 -2.83 12.40
N TRP A 266 8.39 -2.11 11.28
CA TRP A 266 8.34 -2.74 9.95
C TRP A 266 9.22 -1.98 8.97
N ALA A 267 9.99 -2.73 8.18
CA ALA A 267 10.77 -2.22 7.06
C ALA A 267 10.18 -2.57 5.72
N CYS A 268 9.91 -1.57 4.88
CA CYS A 268 9.53 -1.78 3.50
C CYS A 268 10.62 -1.13 2.64
N LYS A 269 11.00 -1.82 1.56
CA LYS A 269 12.06 -1.29 0.68
C LYS A 269 11.68 0.07 0.10
N ASN A 270 12.70 0.78 -0.38
CA ASN A 270 12.64 2.20 -0.72
C ASN A 270 11.32 2.67 -1.37
N TYR A 271 10.83 1.92 -2.37
CA TYR A 271 9.51 2.18 -2.97
C TYR A 271 8.35 1.95 -2.00
N ASP A 272 8.37 0.77 -1.39
CA ASP A 272 7.25 0.21 -0.62
C ASP A 272 6.85 1.04 0.60
N GLY A 273 7.77 1.86 1.08
CA GLY A 273 7.56 2.78 2.21
C GLY A 273 7.46 4.26 1.86
N ASP A 274 7.90 4.66 0.67
CA ASP A 274 7.65 6.01 0.13
C ASP A 274 6.14 6.12 -0.17
N VAL A 275 5.55 4.99 -0.57
CA VAL A 275 4.08 4.82 -0.68
C VAL A 275 3.37 4.83 0.67
N GLN A 276 3.77 3.90 1.54
CA GLN A 276 2.96 3.50 2.71
C GLN A 276 3.04 4.44 3.92
N SER A 277 3.93 5.43 3.89
CA SER A 277 4.10 6.40 4.99
C SER A 277 3.13 7.62 4.93
N ASP A 278 2.86 8.09 3.71
CA ASP A 278 1.84 9.13 3.44
C ASP A 278 0.45 8.58 3.80
N SER A 279 0.25 7.32 3.40
CA SER A 279 -0.83 6.43 3.86
C SER A 279 -1.14 6.63 5.37
N LEU A 280 -0.13 6.36 6.20
CA LEU A 280 -0.27 6.40 7.67
C LEU A 280 -0.21 7.82 8.25
N ALA A 281 0.27 8.81 7.48
CA ALA A 281 0.26 10.24 7.88
C ALA A 281 -1.17 10.78 8.13
N GLN A 282 -2.06 10.40 7.21
CA GLN A 282 -3.51 10.51 7.41
C GLN A 282 -4.02 9.32 8.25
N GLY A 283 -3.51 8.13 7.93
CA GLY A 283 -3.98 6.85 8.50
C GLY A 283 -4.00 6.65 10.02
N PHE A 284 -2.93 7.05 10.71
CA PHE A 284 -2.81 6.87 12.19
C PHE A 284 -3.39 8.05 13.01
N GLY A 285 -3.01 9.30 12.69
CA GLY A 285 -3.47 10.48 13.47
C GLY A 285 -3.43 11.83 12.73
N SER A 286 -2.21 12.37 12.59
CA SER A 286 -1.95 13.63 11.86
C SER A 286 -0.46 13.81 11.69
N LEU A 287 -0.09 14.70 10.77
CA LEU A 287 1.20 15.36 10.85
C LEU A 287 1.03 16.33 11.99
N GLY A 288 2.10 16.45 12.76
CA GLY A 288 2.03 16.99 14.11
C GLY A 288 1.98 15.85 15.10
N MET A 289 1.64 14.62 14.65
CA MET A 289 1.62 13.44 15.55
C MET A 289 2.67 12.37 15.30
N MET A 290 3.30 12.31 14.14
CA MET A 290 4.39 11.37 13.96
C MET A 290 5.62 12.10 14.46
N THR A 291 6.68 11.34 14.82
CA THR A 291 8.05 11.89 14.88
C THR A 291 8.93 11.19 13.84
N SER A 292 10.25 11.45 13.81
CA SER A 292 11.16 10.93 12.78
C SER A 292 12.65 10.65 13.15
N ILE A 293 12.88 9.48 13.78
CA ILE A 293 14.23 9.04 14.25
C ILE A 293 15.09 8.45 13.14
N LEU A 294 16.09 9.20 12.71
CA LEU A 294 17.23 8.63 12.00
C LEU A 294 18.07 7.84 12.99
N MET A 295 18.19 6.54 12.86
CA MET A 295 19.23 5.88 13.63
C MET A 295 20.30 5.28 12.71
N THR A 296 21.53 5.45 13.15
CA THR A 296 22.67 4.84 12.51
C THR A 296 22.67 3.31 12.71
N PRO A 297 23.07 2.56 11.64
CA PRO A 297 23.21 1.08 11.61
C PRO A 297 24.05 0.50 12.70
N ASP A 298 25.01 1.30 13.19
CA ASP A 298 25.83 0.91 14.35
C ASP A 298 24.93 0.78 15.55
N GLY A 299 23.83 1.53 15.53
CA GLY A 299 22.82 1.49 16.57
C GLY A 299 23.27 2.33 17.74
N LYS A 300 24.28 3.14 17.48
CA LYS A 300 24.93 3.91 18.47
C LYS A 300 24.62 5.40 18.38
N THR A 301 24.06 5.88 17.29
CA THR A 301 23.77 7.33 17.16
C THR A 301 22.33 7.59 16.68
N VAL A 302 21.71 8.66 17.20
CA VAL A 302 20.30 8.92 16.95
C VAL A 302 19.98 10.40 16.69
N GLU A 303 19.23 10.66 15.64
CA GLU A 303 18.63 11.95 15.43
C GLU A 303 17.13 11.79 15.38
N VAL A 304 16.47 12.52 16.26
CA VAL A 304 15.02 12.49 16.32
C VAL A 304 14.52 13.87 15.89
N GLU A 305 13.31 13.89 15.35
CA GLU A 305 12.68 15.15 14.98
C GLU A 305 11.23 14.88 14.78
N ALA A 306 10.48 15.96 14.61
CA ALA A 306 9.07 15.87 14.40
C ALA A 306 8.90 15.49 12.96
N ALA A 307 7.80 14.85 12.65
CA ALA A 307 7.44 14.61 11.26
C ALA A 307 7.27 15.95 10.52
N HIS A 308 6.08 16.53 10.64
CA HIS A 308 5.69 17.78 10.01
C HIS A 308 6.81 18.82 9.85
N GLY A 309 6.67 19.72 8.90
CA GLY A 309 7.65 20.74 8.64
C GLY A 309 7.73 21.90 9.62
N THR A 310 8.48 22.93 9.22
CA THR A 310 8.72 24.13 10.04
C THR A 310 7.61 25.04 9.57
N VAL A 311 6.50 24.94 10.29
CA VAL A 311 5.19 25.23 9.71
C VAL A 311 4.91 26.72 9.48
N THR A 312 5.27 27.14 8.27
CA THR A 312 5.34 28.55 7.90
C THR A 312 3.95 29.22 7.93
N ARG A 313 2.95 28.47 7.46
CA ARG A 313 1.55 28.88 7.44
C ARG A 313 1.13 29.59 8.73
N HIS A 314 1.15 28.87 9.84
CA HIS A 314 0.81 29.40 11.19
C HIS A 314 1.69 30.55 11.71
N TYR A 315 2.96 30.64 11.28
CA TYR A 315 3.91 31.65 11.81
C TYR A 315 3.57 33.04 11.37
N ARG A 316 3.24 33.21 10.08
CA ARG A 316 2.81 34.50 9.51
C ARG A 316 2.18 35.39 10.57
N ASP A 317 1.18 34.82 11.25
CA ASP A 317 0.53 35.48 12.39
C ASP A 317 1.51 35.52 13.54
N TYR A 318 1.53 34.46 14.35
CA TYR A 318 2.14 34.50 15.64
C TYR A 318 1.75 35.85 16.24
N GLN A 319 2.69 36.80 16.28
CA GLN A 319 2.45 38.12 16.87
C GLN A 319 1.93 39.12 15.85
N LYS A 320 2.03 38.80 14.55
CA LYS A 320 1.32 39.58 13.53
C LYS A 320 -0.14 39.73 13.95
N GLY A 321 -0.53 38.96 14.95
CA GLY A 321 -1.44 39.41 15.99
C GLY A 321 -2.05 38.18 16.59
N LYS A 322 -2.85 37.53 15.74
CA LYS A 322 -3.78 36.47 16.09
C LYS A 322 -3.15 35.24 16.75
N GLU A 323 -3.92 34.66 17.67
CA GLU A 323 -3.66 33.37 18.32
C GLU A 323 -3.21 32.29 17.36
N THR A 324 -2.93 31.09 17.88
CA THR A 324 -2.55 29.93 17.07
C THR A 324 -2.75 28.60 17.82
N SER A 325 -3.03 27.54 17.05
CA SER A 325 -3.22 26.17 17.59
C SER A 325 -2.45 25.06 16.83
N THR A 326 -1.33 25.44 16.19
CA THR A 326 -0.26 24.49 15.85
C THR A 326 -0.15 23.49 17.04
N ASN A 327 -0.11 22.19 16.73
CA ASN A 327 -0.08 21.11 17.72
C ASN A 327 1.35 20.66 18.10
N PRO A 328 1.79 20.90 19.35
CA PRO A 328 3.18 20.68 19.69
C PRO A 328 3.58 19.29 20.08
N VAL A 329 2.66 18.32 20.11
CA VAL A 329 3.03 17.04 20.72
C VAL A 329 4.21 16.40 20.02
N ALA A 330 4.41 16.65 18.73
CA ALA A 330 5.50 15.98 18.04
C ALA A 330 6.80 16.54 18.58
N SER A 331 6.95 17.87 18.40
CA SER A 331 8.09 18.67 18.92
C SER A 331 8.49 18.27 20.32
N ILE A 332 7.49 17.98 21.15
CA ILE A 332 7.74 17.52 22.54
C ILE A 332 8.26 16.09 22.54
N PHE A 333 7.50 15.19 21.95
CA PHE A 333 7.97 13.84 21.82
C PHE A 333 9.37 13.84 21.29
N ALA A 334 9.72 14.82 20.45
CA ALA A 334 11.09 14.99 19.94
C ALA A 334 12.12 15.39 20.99
N TRP A 335 11.66 15.80 22.17
CA TRP A 335 12.55 15.93 23.31
C TRP A 335 12.53 14.67 24.14
N THR A 336 11.35 14.28 24.62
CA THR A 336 11.19 13.05 25.43
C THR A 336 11.95 11.89 24.76
N ARG A 337 11.56 11.56 23.54
CA ARG A 337 12.14 10.44 22.85
C ARG A 337 13.62 10.61 22.52
N ALA A 338 14.15 11.84 22.52
CA ALA A 338 15.63 11.98 22.41
C ALA A 338 16.17 11.75 23.76
N LEU A 339 15.56 12.39 24.75
CA LEU A 339 15.88 12.15 26.15
C LEU A 339 15.80 10.68 26.56
N ALA A 340 14.94 9.90 25.91
CA ALA A 340 14.97 8.44 26.05
C ALA A 340 16.32 7.75 25.60
N HIS A 341 16.79 7.90 24.37
CA HIS A 341 17.98 7.17 23.90
C HIS A 341 19.23 7.62 24.66
N ARG A 342 19.38 8.94 24.79
CA ARG A 342 20.35 9.53 25.69
C ARG A 342 20.37 8.73 26.97
N ALA A 343 19.21 8.56 27.61
CA ALA A 343 19.17 7.79 28.82
C ALA A 343 19.70 6.40 28.55
N ARG A 344 18.99 5.61 27.73
CA ARG A 344 19.37 4.22 27.42
C ARG A 344 20.88 4.07 27.41
N VAL A 345 21.51 4.95 26.61
CA VAL A 345 22.99 5.09 26.50
C VAL A 345 23.67 5.30 27.87
N ASP A 346 23.27 6.31 28.61
CA ASP A 346 23.89 6.50 29.89
C ASP A 346 23.43 5.44 30.82
N ASN A 347 22.48 4.61 30.41
CA ASN A 347 21.92 3.59 31.28
C ASN A 347 21.43 4.31 32.47
N ASN A 348 20.83 5.45 32.23
CA ASN A 348 20.34 6.25 33.30
C ASN A 348 18.94 5.85 33.33
N ASN A 349 18.63 4.94 34.23
CA ASN A 349 17.28 4.45 34.40
C ASN A 349 16.39 5.47 35.03
N THR A 350 16.98 6.40 35.73
CA THR A 350 16.22 7.45 36.37
C THR A 350 15.57 8.43 35.43
N LEU A 351 16.26 8.91 34.41
CA LEU A 351 15.73 9.91 33.46
C LEU A 351 14.61 9.33 32.62
N LEU A 352 14.82 8.09 32.29
CA LEU A 352 13.91 7.34 31.48
C LEU A 352 12.61 7.34 32.21
N GLU A 353 12.64 7.41 33.52
CA GLU A 353 11.43 7.43 34.30
C GLU A 353 10.71 8.69 33.89
N PHE A 354 11.47 9.75 33.69
CA PHE A 354 10.93 11.05 33.30
C PHE A 354 10.33 11.13 31.88
N THR A 355 11.00 10.56 30.86
CA THR A 355 10.49 10.73 29.49
C THR A 355 9.15 10.01 29.33
N GLN A 356 9.07 8.86 30.00
CA GLN A 356 7.82 8.12 30.22
C GLN A 356 6.76 9.05 30.74
N ARG A 357 7.03 9.71 31.87
CA ARG A 357 6.07 10.62 32.51
C ARG A 357 5.39 11.53 31.50
N LEU A 358 6.20 12.34 30.81
CA LEU A 358 5.64 13.34 29.89
C LEU A 358 4.93 12.78 28.65
N GLU A 359 5.26 11.57 28.21
CA GLU A 359 4.48 10.93 27.11
C GLU A 359 3.10 10.47 27.69
N ASP A 360 3.15 9.81 28.85
CA ASP A 360 1.95 9.38 29.52
C ASP A 360 1.09 10.57 29.88
N VAL A 361 1.69 11.67 30.33
CA VAL A 361 0.90 12.87 30.70
C VAL A 361 0.20 13.56 29.52
N ILE A 362 0.85 13.58 28.36
CA ILE A 362 0.26 14.19 27.18
C ILE A 362 -0.87 13.30 26.68
N ILE A 363 -0.73 11.99 26.91
CA ILE A 363 -1.79 11.02 26.63
C ILE A 363 -2.99 11.37 27.49
N ALA A 364 -2.77 11.43 28.79
CA ALA A 364 -3.76 11.95 29.78
C ALA A 364 -4.43 13.33 29.45
N THR A 365 -3.64 14.40 29.43
CA THR A 365 -3.99 15.66 28.76
C THR A 365 -5.13 15.56 27.72
N ILE A 366 -4.88 14.90 26.59
CA ILE A 366 -5.77 14.87 25.41
C ILE A 366 -7.02 14.02 25.63
N GLU A 367 -6.82 12.84 26.15
CA GLU A 367 -7.89 11.93 26.34
C GLU A 367 -8.83 12.60 27.28
N ALA A 368 -8.27 13.28 28.26
CA ALA A 368 -9.05 13.97 29.28
C ALA A 368 -9.85 15.17 28.76
N GLY A 369 -9.57 15.61 27.56
CA GLY A 369 -10.31 16.68 26.93
C GLY A 369 -9.62 17.85 26.34
N ALA A 370 -8.36 18.01 26.69
CA ALA A 370 -7.61 19.13 26.20
C ALA A 370 -7.02 18.77 24.91
N MET A 371 -7.15 19.60 23.90
CA MET A 371 -6.56 19.30 22.62
C MET A 371 -6.36 20.55 21.84
N THR A 372 -5.64 20.47 20.75
CA THR A 372 -5.40 21.61 19.93
C THR A 372 -6.37 21.52 18.78
N GLU A 373 -6.53 22.60 18.05
CA GLU A 373 -7.53 22.59 16.94
C GLU A 373 -7.35 21.45 15.93
N ASP A 374 -6.11 21.06 15.69
CA ASP A 374 -5.87 20.05 14.65
C ASP A 374 -6.57 18.77 15.02
N LEU A 375 -6.62 18.44 16.32
CA LEU A 375 -7.35 17.27 16.78
C LEU A 375 -8.82 17.57 16.89
N ALA A 376 -9.15 18.83 17.21
CA ALA A 376 -10.54 19.29 17.17
C ALA A 376 -11.25 19.17 15.80
N ILE A 377 -10.53 18.96 14.71
CA ILE A 377 -11.16 18.51 13.47
C ILE A 377 -11.19 16.97 13.34
N CYS A 378 -10.21 16.32 13.94
CA CYS A 378 -10.07 14.89 13.85
C CYS A 378 -11.03 14.13 14.79
N ILE A 379 -11.31 14.64 16.00
CA ILE A 379 -12.22 13.92 16.91
C ILE A 379 -13.59 13.95 16.25
N LYS A 380 -14.08 15.16 15.97
CA LYS A 380 -15.23 15.33 15.09
C LYS A 380 -15.42 16.75 14.52
N GLY A 381 -15.60 16.83 13.20
CA GLY A 381 -16.30 17.92 12.57
C GLY A 381 -15.42 19.12 12.32
N GLU A 382 -14.96 19.28 11.09
CA GLU A 382 -14.46 20.55 10.60
C GLU A 382 -15.63 21.53 10.40
N LYS A 383 -16.79 21.00 9.94
CA LYS A 383 -17.98 21.80 9.61
C LYS A 383 -18.72 22.31 10.83
N ASN A 384 -18.32 21.89 12.04
CA ASN A 384 -18.65 22.65 13.25
C ASN A 384 -17.75 22.35 14.47
N VAL A 385 -16.75 23.21 14.71
CA VAL A 385 -15.99 23.18 15.96
C VAL A 385 -15.41 24.55 16.37
N VAL A 386 -15.44 24.82 17.68
CA VAL A 386 -15.13 26.14 18.23
C VAL A 386 -14.19 26.00 19.41
N ARG A 387 -13.85 27.15 20.01
CA ARG A 387 -12.76 27.22 20.98
C ARG A 387 -13.02 26.59 22.35
N ALA A 388 -14.26 26.17 22.62
CA ALA A 388 -14.60 25.61 23.92
C ALA A 388 -13.61 24.54 24.28
N ASP A 389 -13.62 23.46 23.49
CA ASP A 389 -12.86 22.26 23.87
C ASP A 389 -11.40 22.13 23.36
N TYR A 390 -10.97 23.02 22.45
CA TYR A 390 -9.59 22.97 21.98
C TYR A 390 -8.68 24.06 22.56
N LEU A 391 -7.66 23.67 23.32
CA LEU A 391 -6.68 24.63 23.88
C LEU A 391 -5.93 25.34 22.75
N ASN A 392 -5.34 26.47 23.08
CA ASN A 392 -4.39 27.16 22.20
C ASN A 392 -3.13 26.29 22.10
N THR A 393 -2.12 26.75 21.34
CA THR A 393 -0.81 26.09 21.34
C THR A 393 -0.23 26.06 22.76
N ASP A 394 -0.42 27.15 23.48
CA ASP A 394 0.36 27.45 24.66
C ASP A 394 -0.40 27.31 25.97
N GLU A 395 -1.71 27.28 25.92
CA GLU A 395 -2.50 26.95 27.12
C GLU A 395 -2.42 25.45 27.30
N PHE A 396 -2.42 24.75 26.16
CA PHE A 396 -2.20 23.30 26.08
C PHE A 396 -0.89 22.89 26.74
N ILE A 397 0.20 23.50 26.31
CA ILE A 397 1.50 23.14 26.85
C ILE A 397 1.52 23.33 28.38
N ASP A 398 0.86 24.37 28.89
CA ASP A 398 0.63 24.55 30.34
C ASP A 398 -0.31 23.48 30.95
N ALA A 399 -1.37 23.09 30.23
CA ALA A 399 -2.21 21.93 30.61
C ALA A 399 -1.38 20.71 30.95
N VAL A 400 -0.50 20.30 30.02
CA VAL A 400 0.46 19.26 30.36
C VAL A 400 1.22 19.67 31.61
N SER A 401 1.81 20.86 31.55
CA SER A 401 2.74 21.34 32.58
C SER A 401 2.24 21.21 34.00
N GLN A 402 1.00 21.59 34.24
CA GLN A 402 0.41 21.40 35.55
C GLN A 402 0.43 19.91 35.88
N ARG A 403 -0.07 19.12 34.92
CA ARG A 403 -0.32 17.68 35.11
C ARG A 403 0.95 16.87 35.32
N LEU A 404 2.06 17.30 34.74
CA LEU A 404 3.36 16.63 34.96
C LEU A 404 3.85 16.94 36.36
N LYS A 405 3.53 18.14 36.80
CA LYS A 405 3.86 18.59 38.13
C LYS A 405 3.08 17.75 39.17
N VAL A 406 1.83 17.35 38.87
CA VAL A 406 1.17 16.37 39.76
C VAL A 406 1.87 15.02 39.63
N ALA A 407 2.08 14.55 38.40
CA ALA A 407 2.76 13.27 38.19
C ALA A 407 4.10 13.22 38.93
N MET A 408 5.06 14.04 38.50
CA MET A 408 6.38 14.13 39.14
C MET A 408 6.28 13.86 40.67
N GLN A 409 5.35 14.56 41.32
CA GLN A 409 5.09 14.45 42.77
C GLN A 409 4.21 13.24 43.16
N LYS A 410 2.99 13.19 42.62
CA LYS A 410 1.92 12.25 43.08
C LYS A 410 2.24 10.81 42.76
N SER A 411 3.43 10.58 42.22
CA SER A 411 4.03 9.27 42.20
C SER A 411 5.03 9.12 43.36
N LYS A 412 6.01 10.02 43.41
CA LYS A 412 7.32 9.77 44.08
C LYS A 412 7.32 9.65 45.62
N VAL A 413 6.38 10.31 46.30
CA VAL A 413 6.25 10.12 47.77
C VAL A 413 5.64 8.72 48.05
N SER B 1 -45.99 -14.86 -18.78
CA SER B 1 -46.08 -16.29 -18.54
C SER B 1 -44.71 -16.90 -18.59
N ASN B 2 -43.88 -16.26 -19.39
CA ASN B 2 -42.55 -16.71 -19.66
C ASN B 2 -41.40 -16.16 -18.85
N LYS B 3 -40.21 -16.52 -19.32
CA LYS B 3 -38.95 -16.15 -18.72
C LYS B 3 -38.31 -14.95 -19.39
N ILE B 4 -37.08 -14.63 -19.03
CA ILE B 4 -36.43 -13.43 -19.54
C ILE B 4 -35.33 -13.78 -20.57
N SER B 5 -35.58 -13.42 -21.82
CA SER B 5 -34.68 -13.78 -22.95
C SER B 5 -33.44 -12.89 -23.02
N ALA B 6 -32.61 -13.12 -24.04
CA ALA B 6 -31.68 -12.10 -24.59
C ALA B 6 -31.14 -12.49 -25.98
N THR B 7 -31.17 -11.54 -26.92
CA THR B 7 -30.66 -11.78 -28.29
C THR B 7 -29.14 -12.07 -28.38
N GLY B 8 -28.35 -11.62 -27.41
CA GLY B 8 -26.90 -11.84 -27.39
C GLY B 8 -26.58 -13.25 -26.98
N VAL B 9 -25.33 -13.54 -26.64
CA VAL B 9 -24.93 -14.88 -26.18
C VAL B 9 -23.86 -14.78 -25.14
N LEU B 10 -24.09 -15.52 -24.06
CA LEU B 10 -23.13 -15.69 -23.00
C LEU B 10 -22.43 -17.04 -23.18
N VAL B 11 -21.09 -16.97 -23.25
CA VAL B 11 -20.25 -18.17 -23.32
C VAL B 11 -20.21 -18.73 -21.92
N GLU B 12 -20.81 -19.89 -21.70
CA GLU B 12 -20.53 -20.63 -20.47
C GLU B 12 -19.18 -21.43 -20.57
N LEU B 13 -18.46 -21.47 -19.48
CA LEU B 13 -17.11 -21.98 -19.53
C LEU B 13 -16.87 -22.84 -18.26
N ASP B 14 -17.48 -24.02 -18.23
CA ASP B 14 -17.62 -24.85 -16.99
C ASP B 14 -16.27 -25.10 -16.32
N GLY B 15 -16.32 -25.55 -15.05
CA GLY B 15 -15.13 -25.74 -14.22
C GLY B 15 -14.97 -27.16 -13.73
N ASP B 16 -14.42 -27.32 -12.53
CA ASP B 16 -14.34 -28.63 -11.86
C ASP B 16 -14.29 -28.44 -10.34
N GLU B 17 -14.14 -29.55 -9.59
CA GLU B 17 -13.89 -29.55 -8.13
C GLU B 17 -15.12 -28.97 -7.39
N MET B 18 -14.93 -28.14 -6.36
CA MET B 18 -16.07 -27.62 -5.57
C MET B 18 -16.90 -26.57 -6.33
N THR B 19 -16.22 -25.73 -7.13
CA THR B 19 -16.87 -24.71 -7.95
C THR B 19 -17.82 -25.33 -8.95
N ARG B 20 -17.46 -26.47 -9.53
CA ARG B 20 -18.32 -27.15 -10.51
C ARG B 20 -19.64 -27.52 -9.87
N VAL B 21 -19.60 -28.06 -8.67
CA VAL B 21 -20.83 -28.48 -8.00
C VAL B 21 -21.76 -27.28 -7.82
N ILE B 22 -21.24 -26.23 -7.20
CA ILE B 22 -22.00 -24.99 -6.96
C ILE B 22 -22.43 -24.31 -8.29
N TRP B 23 -21.60 -24.48 -9.31
CA TRP B 23 -21.91 -24.03 -10.66
C TRP B 23 -23.25 -24.55 -11.18
N LYS B 24 -23.59 -25.82 -10.92
CA LYS B 24 -24.90 -26.40 -11.34
C LYS B 24 -26.02 -25.87 -10.48
N LYS B 25 -25.75 -25.51 -9.22
CA LYS B 25 -26.82 -25.08 -8.31
C LYS B 25 -27.32 -23.71 -8.73
N ILE B 26 -26.45 -22.72 -8.67
CA ILE B 26 -26.83 -21.33 -8.96
C ILE B 26 -27.42 -21.25 -10.37
N LYS B 27 -26.67 -21.86 -11.29
CA LYS B 27 -27.15 -22.21 -12.63
C LYS B 27 -28.59 -22.72 -12.59
N GLU B 28 -28.83 -23.81 -11.85
CA GLU B 28 -30.16 -24.46 -11.81
C GLU B 28 -31.18 -23.83 -10.88
N THR B 29 -30.71 -23.25 -9.77
CA THR B 29 -31.56 -22.64 -8.75
C THR B 29 -31.90 -21.16 -9.03
N LEU B 30 -30.90 -20.40 -9.46
CA LEU B 30 -31.01 -18.94 -9.56
C LEU B 30 -31.12 -18.42 -10.97
N ILE B 31 -30.44 -19.05 -11.92
CA ILE B 31 -30.38 -18.49 -13.27
C ILE B 31 -31.51 -19.02 -14.19
N PHE B 32 -31.41 -20.27 -14.64
CA PHE B 32 -32.35 -20.80 -15.64
C PHE B 32 -33.85 -20.81 -15.24
N PRO B 33 -34.17 -20.93 -13.93
CA PRO B 33 -35.59 -20.83 -13.61
C PRO B 33 -36.22 -19.47 -13.97
N PHE B 34 -35.40 -18.43 -14.09
CA PHE B 34 -35.90 -17.10 -14.47
C PHE B 34 -35.43 -16.59 -15.84
N VAL B 35 -34.37 -17.17 -16.40
CA VAL B 35 -33.72 -16.59 -17.57
C VAL B 35 -33.68 -17.59 -18.71
N ASN B 36 -34.19 -17.17 -19.87
CA ASN B 36 -33.83 -17.78 -21.14
C ASN B 36 -32.43 -17.30 -21.55
N VAL B 37 -31.67 -18.22 -22.14
CA VAL B 37 -30.22 -18.28 -21.97
C VAL B 37 -29.48 -18.92 -23.17
N PRO B 38 -29.23 -18.13 -24.24
CA PRO B 38 -28.49 -18.68 -25.38
C PRO B 38 -27.01 -18.78 -25.00
N ILE B 39 -26.55 -20.02 -24.84
CA ILE B 39 -25.26 -20.29 -24.22
C ILE B 39 -24.42 -21.14 -25.13
N GLU B 40 -23.17 -20.70 -25.30
CA GLU B 40 -22.18 -21.51 -25.98
C GLU B 40 -21.32 -22.14 -24.89
N TYR B 41 -21.64 -23.38 -24.57
CA TYR B 41 -21.01 -24.09 -23.46
C TYR B 41 -19.64 -24.68 -23.84
N TYR B 42 -18.67 -24.37 -23.01
CA TYR B 42 -17.33 -24.90 -23.16
C TYR B 42 -17.00 -25.57 -21.86
N ASP B 43 -16.82 -26.88 -21.89
CA ASP B 43 -16.45 -27.59 -20.67
C ASP B 43 -14.98 -27.45 -20.46
N LEU B 44 -14.61 -26.82 -19.35
CA LEU B 44 -13.24 -26.81 -18.88
C LEU B 44 -13.17 -27.58 -17.57
N SER B 45 -13.11 -28.89 -17.70
CA SER B 45 -12.78 -29.80 -16.61
C SER B 45 -11.43 -30.41 -16.94
N MET B 46 -10.65 -30.75 -15.91
CA MET B 46 -9.29 -31.27 -16.11
C MET B 46 -9.28 -32.48 -17.02
N GLU B 47 -10.17 -33.41 -16.67
CA GLU B 47 -10.52 -34.57 -17.51
C GLU B 47 -10.57 -34.18 -18.97
N ASN B 48 -11.38 -33.14 -19.23
CA ASN B 48 -11.81 -32.74 -20.56
C ASN B 48 -10.86 -31.82 -21.35
N ARG B 49 -9.98 -31.09 -20.67
CA ARG B 49 -8.93 -30.35 -21.39
C ARG B 49 -7.74 -31.25 -21.71
N ASP B 50 -7.69 -32.37 -21.03
CA ASP B 50 -6.75 -33.41 -21.28
C ASP B 50 -7.16 -34.13 -22.55
N LYS B 51 -8.44 -34.45 -22.66
CA LYS B 51 -8.94 -35.20 -23.78
C LYS B 51 -8.62 -34.42 -24.97
N THR B 52 -8.82 -33.13 -24.86
CA THR B 52 -8.51 -32.26 -25.94
C THR B 52 -7.08 -32.12 -25.66
N GLU B 53 -6.23 -32.73 -26.49
CA GLU B 53 -4.78 -32.64 -26.33
C GLU B 53 -4.58 -31.18 -26.49
N ASP B 54 -3.70 -30.55 -25.74
CA ASP B 54 -3.62 -29.10 -25.82
C ASP B 54 -5.02 -28.66 -25.32
N ARG B 55 -5.76 -27.77 -25.97
CA ARG B 55 -7.01 -27.35 -25.36
C ARG B 55 -8.31 -26.90 -25.99
N VAL B 56 -9.34 -26.93 -25.14
CA VAL B 56 -10.64 -26.32 -25.35
C VAL B 56 -10.47 -24.82 -25.16
N THR B 57 -9.60 -24.47 -24.20
CA THR B 57 -9.48 -23.07 -23.74
C THR B 57 -9.22 -22.07 -24.88
N VAL B 58 -8.42 -22.45 -25.88
CA VAL B 58 -8.17 -21.52 -26.99
C VAL B 58 -9.50 -21.34 -27.74
N GLU B 59 -10.20 -22.45 -27.97
CA GLU B 59 -11.53 -22.41 -28.58
C GLU B 59 -12.41 -21.47 -27.78
N ALA B 60 -12.58 -21.78 -26.48
CA ALA B 60 -13.46 -21.04 -25.54
C ALA B 60 -13.12 -19.56 -25.47
N ALA B 61 -11.82 -19.28 -25.32
CA ALA B 61 -11.31 -17.92 -25.30
C ALA B 61 -11.80 -17.13 -26.53
N TYR B 62 -11.53 -17.68 -27.71
CA TYR B 62 -11.96 -17.04 -28.96
C TYR B 62 -13.50 -16.99 -29.02
N ALA B 63 -14.15 -18.06 -28.55
CA ALA B 63 -15.60 -18.05 -28.43
C ALA B 63 -16.06 -16.75 -27.75
N ILE B 64 -15.37 -16.40 -26.68
CA ILE B 64 -15.68 -15.20 -25.92
C ILE B 64 -15.44 -14.01 -26.82
N LYS B 65 -14.26 -13.98 -27.48
CA LYS B 65 -13.95 -12.90 -28.43
C LYS B 65 -15.03 -12.68 -29.53
N LYS B 66 -15.70 -13.75 -29.97
CA LYS B 66 -16.85 -13.59 -30.87
C LYS B 66 -18.01 -12.91 -30.17
N HIS B 67 -18.41 -13.47 -29.04
CA HIS B 67 -19.69 -13.14 -28.42
C HIS B 67 -19.70 -11.93 -27.49
N GLY B 68 -18.53 -11.59 -26.92
CA GLY B 68 -18.35 -10.41 -26.04
C GLY B 68 -18.60 -10.57 -24.54
N VAL B 69 -19.15 -11.73 -24.14
CA VAL B 69 -19.41 -12.05 -22.71
C VAL B 69 -19.19 -13.53 -22.42
N GLY B 70 -18.37 -13.77 -21.39
CA GLY B 70 -18.02 -15.10 -20.94
C GLY B 70 -18.03 -15.24 -19.44
N VAL B 71 -18.36 -16.44 -18.96
CA VAL B 71 -18.50 -16.68 -17.53
C VAL B 71 -17.98 -18.06 -17.07
N LYS B 72 -16.94 -18.01 -16.24
CA LYS B 72 -16.71 -18.92 -15.11
C LYS B 72 -15.27 -19.00 -14.75
N CYS B 73 -14.50 -19.53 -15.71
CA CYS B 73 -13.17 -20.08 -15.54
C CYS B 73 -12.77 -20.46 -14.09
N ALA B 74 -13.36 -21.54 -13.53
CA ALA B 74 -12.85 -22.03 -12.21
C ALA B 74 -11.68 -22.99 -12.44
N THR B 75 -10.50 -22.43 -12.24
CA THR B 75 -9.27 -22.89 -12.89
C THR B 75 -8.74 -24.19 -12.27
N ILE B 76 -7.60 -24.65 -12.77
CA ILE B 76 -6.89 -25.79 -12.17
C ILE B 76 -5.37 -25.80 -12.30
N THR B 77 -4.78 -24.75 -12.90
CA THR B 77 -3.35 -24.67 -13.14
C THR B 77 -2.65 -25.90 -12.57
N PRO B 78 -2.60 -27.01 -13.35
CA PRO B 78 -2.12 -28.27 -12.80
C PRO B 78 -0.68 -28.21 -12.32
N ASP B 79 -0.34 -29.16 -11.45
CA ASP B 79 1.03 -29.33 -10.99
C ASP B 79 1.59 -30.57 -11.66
N GLU B 80 2.83 -30.87 -11.30
CA GLU B 80 3.43 -32.18 -11.55
C GLU B 80 2.79 -33.18 -10.60
N ALA B 81 2.41 -32.69 -9.42
CA ALA B 81 1.69 -33.47 -8.44
C ALA B 81 0.37 -33.96 -9.00
N ARG B 82 -0.32 -33.10 -9.71
CA ARG B 82 -1.61 -33.39 -10.29
C ARG B 82 -1.70 -34.39 -11.39
N VAL B 83 -0.73 -34.44 -12.28
CA VAL B 83 -0.78 -35.41 -13.37
C VAL B 83 -0.88 -36.74 -12.73
N LYS B 84 -0.15 -36.89 -11.66
CA LYS B 84 -0.17 -38.07 -10.87
C LYS B 84 -1.61 -38.22 -10.41
N GLU B 85 -2.31 -37.11 -10.26
CA GLU B 85 -3.70 -37.17 -9.88
C GLU B 85 -4.49 -37.49 -11.12
N PHE B 86 -5.14 -38.63 -11.12
CA PHE B 86 -5.93 -39.09 -12.23
C PHE B 86 -5.23 -39.26 -13.60
N ASN B 87 -3.99 -39.71 -13.61
CA ASN B 87 -3.33 -40.01 -14.87
C ASN B 87 -3.46 -38.94 -15.95
N LEU B 88 -2.98 -37.75 -15.68
CA LEU B 88 -3.06 -36.72 -16.67
C LEU B 88 -1.93 -36.99 -17.59
N LYS B 89 -1.65 -36.06 -18.49
CA LYS B 89 -0.56 -36.19 -19.44
C LYS B 89 0.20 -34.90 -19.66
N LYS B 90 1.44 -35.03 -20.11
CA LYS B 90 2.42 -33.96 -20.33
C LYS B 90 1.98 -32.51 -20.51
N MET B 91 2.53 -31.66 -19.64
CA MET B 91 2.32 -30.19 -19.50
C MET B 91 0.97 -29.66 -19.04
N TRP B 92 0.35 -28.82 -19.87
CA TRP B 92 -0.98 -28.17 -19.71
C TRP B 92 -1.13 -26.70 -19.33
N ARG B 93 -0.11 -26.06 -18.80
CA ARG B 93 -0.22 -24.64 -18.56
C ARG B 93 -1.36 -24.41 -17.63
N SER B 94 -1.90 -23.19 -17.67
CA SER B 94 -2.97 -22.70 -16.85
C SER B 94 -4.01 -22.21 -17.77
N PRO B 95 -5.30 -22.61 -17.48
CA PRO B 95 -6.28 -22.17 -18.46
C PRO B 95 -6.32 -20.70 -18.63
N ASN B 96 -6.32 -19.92 -17.59
CA ASN B 96 -6.39 -18.49 -17.72
C ASN B 96 -5.22 -17.84 -18.33
N GLY B 97 -4.09 -18.50 -18.30
CA GLY B 97 -2.91 -17.93 -18.90
C GLY B 97 -3.21 -17.80 -20.36
N THR B 98 -3.88 -18.79 -20.89
CA THR B 98 -4.21 -18.77 -22.31
C THR B 98 -5.27 -17.69 -22.66
N ILE B 99 -6.29 -17.61 -21.83
CA ILE B 99 -7.42 -16.76 -22.16
C ILE B 99 -6.98 -15.31 -22.09
N ARG B 100 -6.40 -14.92 -20.97
CA ARG B 100 -5.90 -13.57 -20.76
C ARG B 100 -4.85 -13.15 -21.78
N THR B 101 -4.13 -14.09 -22.40
CA THR B 101 -3.24 -13.69 -23.46
C THR B 101 -3.95 -13.64 -24.80
N ILE B 102 -4.99 -14.47 -24.98
CA ILE B 102 -5.81 -14.46 -26.20
C ILE B 102 -6.62 -13.19 -26.23
N LEU B 103 -7.57 -13.06 -25.31
CA LEU B 103 -8.48 -11.90 -25.29
C LEU B 103 -7.63 -10.64 -25.17
N GLY B 104 -6.51 -10.74 -24.44
CA GLY B 104 -5.69 -9.58 -24.11
C GLY B 104 -6.45 -8.73 -23.09
N GLY B 105 -5.81 -7.68 -22.59
CA GLY B 105 -6.50 -6.67 -21.75
C GLY B 105 -6.35 -6.93 -20.26
N THR B 106 -7.21 -6.23 -19.48
CA THR B 106 -7.00 -5.96 -18.03
C THR B 106 -8.18 -6.39 -17.09
N VAL B 107 -7.81 -6.90 -15.91
CA VAL B 107 -8.73 -7.51 -14.93
C VAL B 107 -9.06 -6.48 -13.86
N PHE B 108 -10.28 -6.57 -13.33
CA PHE B 108 -10.83 -5.62 -12.35
C PHE B 108 -11.61 -6.32 -11.26
N ARG B 109 -11.17 -6.14 -10.02
CA ARG B 109 -11.71 -6.89 -8.88
C ARG B 109 -12.73 -6.10 -8.03
N GLU B 110 -14.01 -6.48 -8.15
CA GLU B 110 -15.11 -5.83 -7.42
C GLU B 110 -15.50 -6.68 -6.22
N PRO B 111 -15.28 -6.14 -4.98
CA PRO B 111 -15.82 -6.73 -3.75
C PRO B 111 -17.33 -6.79 -3.70
N ILE B 112 -17.86 -7.81 -3.00
CA ILE B 112 -19.26 -7.87 -2.58
C ILE B 112 -19.26 -7.24 -1.22
N ILE B 113 -20.23 -6.35 -0.99
CA ILE B 113 -20.26 -5.46 0.18
C ILE B 113 -21.67 -5.42 0.81
N CYS B 114 -21.76 -5.62 2.12
CA CYS B 114 -23.07 -5.80 2.79
C CYS B 114 -23.04 -5.27 4.21
N SER B 115 -24.12 -4.60 4.61
CA SER B 115 -24.12 -3.76 5.80
C SER B 115 -23.63 -4.49 7.03
N ASN B 116 -24.21 -5.67 7.23
CA ASN B 116 -23.88 -6.47 8.40
C ASN B 116 -22.43 -7.01 8.47
N VAL B 117 -21.81 -7.28 7.31
CA VAL B 117 -20.47 -7.93 7.30
C VAL B 117 -19.38 -6.90 7.65
N PRO B 118 -18.30 -7.34 8.34
CA PRO B 118 -17.34 -6.37 8.82
C PRO B 118 -16.21 -6.17 7.84
N ARG B 119 -16.14 -4.97 7.28
CA ARG B 119 -14.97 -4.53 6.53
C ARG B 119 -13.86 -4.23 7.54
N LEU B 120 -12.63 -4.53 7.15
CA LEU B 120 -11.49 -4.28 8.02
C LEU B 120 -11.12 -2.79 8.02
N VAL B 121 -11.57 -2.06 6.99
CA VAL B 121 -11.70 -0.60 7.04
C VAL B 121 -13.19 -0.26 6.92
N THR B 122 -13.77 0.18 8.05
CA THR B 122 -15.21 0.42 8.14
C THR B 122 -15.70 1.55 7.21
N THR B 123 -14.80 2.48 6.87
CA THR B 123 -15.07 3.63 5.96
C THR B 123 -15.84 3.31 4.68
N TRP B 124 -15.60 2.13 4.10
CA TRP B 124 -16.12 1.80 2.77
C TRP B 124 -17.64 1.60 2.76
N LYS B 125 -18.34 2.58 2.21
CA LYS B 125 -19.81 2.55 2.05
C LYS B 125 -20.23 2.03 0.66
N LYS B 126 -19.29 2.05 -0.29
CA LYS B 126 -19.44 1.41 -1.59
C LYS B 126 -18.16 0.61 -1.90
N PRO B 127 -18.21 -0.34 -2.87
CA PRO B 127 -17.00 -1.09 -3.30
C PRO B 127 -15.98 -0.33 -4.22
N VAL B 128 -14.71 -0.68 -4.09
CA VAL B 128 -13.63 -0.10 -4.89
C VAL B 128 -12.92 -1.15 -5.77
N VAL B 129 -13.13 -0.97 -7.09
CA VAL B 129 -12.56 -1.85 -8.11
C VAL B 129 -11.08 -1.48 -8.30
N ILE B 130 -10.24 -2.40 -8.72
CA ILE B 130 -8.87 -2.06 -8.94
C ILE B 130 -8.38 -2.65 -10.22
N GLY B 131 -7.77 -1.83 -11.07
CA GLY B 131 -7.25 -2.28 -12.32
C GLY B 131 -5.77 -2.33 -12.20
N ARG B 132 -5.23 -3.49 -12.44
CA ARG B 132 -3.84 -3.75 -12.35
C ARG B 132 -3.36 -4.12 -13.70
N HIS B 133 -2.23 -3.57 -14.05
CA HIS B 133 -1.54 -3.72 -15.29
C HIS B 133 -0.55 -4.87 -15.28
N ALA B 134 -0.81 -5.92 -16.04
CA ALA B 134 0.07 -7.05 -16.03
C ALA B 134 1.21 -7.17 -17.03
N PHE B 135 1.34 -6.25 -17.98
CA PHE B 135 2.45 -6.36 -18.92
C PHE B 135 3.75 -5.99 -18.24
N GLY B 136 4.85 -6.47 -18.79
CA GLY B 136 6.12 -6.31 -18.16
C GLY B 136 6.38 -4.91 -17.75
N ASP B 137 6.76 -4.82 -16.49
CA ASP B 137 7.18 -3.68 -15.73
C ASP B 137 8.14 -4.57 -15.01
N GLN B 138 7.96 -4.87 -13.72
CA GLN B 138 8.94 -5.82 -13.10
C GLN B 138 8.49 -7.31 -13.14
N TYR B 139 7.47 -7.60 -13.95
CA TYR B 139 6.88 -8.93 -14.11
C TYR B 139 7.45 -9.61 -15.36
N SER B 140 7.55 -8.83 -16.44
CA SER B 140 8.55 -9.05 -17.50
C SER B 140 9.61 -7.92 -17.34
N ALA B 141 10.64 -8.26 -16.56
CA ALA B 141 11.87 -7.47 -16.37
C ALA B 141 12.94 -8.35 -15.71
N THR B 142 14.07 -8.60 -16.37
CA THR B 142 15.19 -9.37 -15.75
C THR B 142 15.88 -8.58 -14.61
N ASP B 143 16.77 -9.25 -13.91
CA ASP B 143 17.54 -8.65 -12.84
C ASP B 143 18.63 -9.63 -12.43
N ALA B 144 19.87 -9.16 -12.49
CA ALA B 144 21.03 -9.99 -12.26
C ALA B 144 21.69 -9.56 -10.97
N VAL B 145 22.34 -10.52 -10.31
CA VAL B 145 23.16 -10.24 -9.13
C VAL B 145 24.53 -9.78 -9.62
N VAL B 146 25.23 -9.03 -8.77
CA VAL B 146 26.60 -8.63 -9.02
C VAL B 146 27.48 -9.23 -7.90
N LYS B 147 28.50 -10.01 -8.28
CA LYS B 147 29.43 -10.61 -7.29
C LYS B 147 30.85 -10.03 -7.24
N GLU B 148 31.12 -9.02 -8.07
CA GLU B 148 32.43 -8.36 -8.11
C GLU B 148 32.27 -6.87 -8.39
N PRO B 149 33.34 -6.08 -8.16
CA PRO B 149 33.31 -4.68 -8.53
C PRO B 149 33.20 -4.53 -10.02
N GLY B 150 32.59 -3.43 -10.47
CA GLY B 150 32.41 -3.17 -11.89
C GLY B 150 31.34 -2.16 -12.22
N THR B 151 31.02 -2.04 -13.51
CA THR B 151 30.10 -1.03 -14.03
C THR B 151 28.95 -1.71 -14.77
N PHE B 152 27.76 -1.23 -14.44
CA PHE B 152 26.49 -1.68 -15.01
C PHE B 152 25.98 -0.54 -15.90
N GLU B 153 25.81 -0.80 -17.19
CA GLU B 153 25.38 0.19 -18.15
C GLU B 153 24.12 -0.30 -18.83
N MET B 154 23.22 0.63 -19.14
CA MET B 154 22.10 0.39 -20.05
C MET B 154 22.54 1.00 -21.37
N ARG B 155 22.18 0.34 -22.48
CA ARG B 155 22.50 0.83 -23.84
C ARG B 155 21.31 0.64 -24.78
N PHE B 156 20.70 1.74 -25.24
CA PHE B 156 19.63 1.67 -26.24
C PHE B 156 20.16 1.71 -27.67
N ILE B 157 19.96 0.63 -28.41
CA ILE B 157 20.42 0.52 -29.80
C ILE B 157 19.20 0.65 -30.74
N PRO B 158 19.19 1.68 -31.60
CA PRO B 158 18.07 1.81 -32.57
C PRO B 158 18.07 0.71 -33.62
N ALA B 159 16.89 0.45 -34.19
CA ALA B 159 16.71 -0.60 -35.21
C ALA B 159 16.93 -0.15 -36.65
N ASN B 160 16.93 1.17 -36.90
CA ASN B 160 17.74 1.73 -37.99
C ASN B 160 19.24 1.55 -37.61
N GLY B 161 19.88 2.52 -36.96
CA GLY B 161 21.22 2.32 -36.40
C GLY B 161 21.98 3.56 -35.98
N GLY B 162 21.28 4.49 -35.32
CA GLY B 162 21.83 5.81 -35.01
C GLY B 162 22.85 5.81 -33.90
N GLU B 163 23.02 6.97 -33.27
CA GLU B 163 23.85 7.10 -32.07
C GLU B 163 23.21 6.31 -30.92
N PRO B 164 23.70 5.08 -30.63
CA PRO B 164 22.91 4.17 -29.82
C PRO B 164 23.01 4.50 -28.32
N LYS B 165 22.30 5.55 -27.93
CA LYS B 165 22.47 6.28 -26.67
C LYS B 165 22.84 5.40 -25.45
N VAL B 166 23.89 5.81 -24.75
CA VAL B 166 24.48 5.07 -23.61
C VAL B 166 24.10 5.69 -22.26
N TYR B 167 24.11 4.85 -21.23
CA TYR B 167 23.75 5.25 -19.86
C TYR B 167 24.72 4.72 -18.76
N LYS B 168 25.66 5.56 -18.36
CA LYS B 168 26.49 5.28 -17.18
C LYS B 168 25.63 5.54 -15.95
N VAL B 169 25.18 4.46 -15.32
CA VAL B 169 24.27 4.53 -14.18
C VAL B 169 25.02 4.37 -12.84
N PHE B 170 25.86 3.33 -12.73
CA PHE B 170 26.50 3.03 -11.45
C PHE B 170 27.68 2.04 -11.55
N ASP B 171 28.83 2.46 -11.02
CA ASP B 171 30.03 1.64 -10.94
C ASP B 171 30.13 1.17 -9.50
N TYR B 172 30.16 -0.14 -9.31
CA TYR B 172 30.04 -0.76 -8.00
C TYR B 172 31.39 -0.76 -7.26
N LYS B 173 31.38 -0.26 -6.03
CA LYS B 173 32.49 -0.49 -5.10
C LYS B 173 32.66 -2.01 -4.97
N SER B 174 31.62 -2.69 -4.47
CA SER B 174 31.68 -4.11 -4.15
C SER B 174 30.28 -4.67 -3.77
N GLY B 175 30.01 -5.91 -4.17
CA GLY B 175 28.77 -6.61 -3.84
C GLY B 175 27.60 -6.13 -4.67
N GLY B 176 26.42 -6.72 -4.45
CA GLY B 176 25.13 -6.12 -4.86
C GLY B 176 24.14 -6.86 -5.76
N VAL B 177 23.43 -6.08 -6.59
CA VAL B 177 22.43 -6.59 -7.56
C VAL B 177 22.11 -5.46 -8.56
N MET B 178 21.52 -5.83 -9.70
CA MET B 178 21.13 -4.88 -10.76
C MET B 178 19.84 -5.30 -11.41
N MET B 179 19.28 -4.41 -12.23
CA MET B 179 17.99 -4.66 -12.91
C MET B 179 17.76 -3.72 -14.10
N GLY B 180 16.97 -4.21 -15.06
CA GLY B 180 16.37 -3.40 -16.13
C GLY B 180 14.88 -3.69 -16.28
N MET B 181 14.10 -2.68 -16.64
CA MET B 181 12.62 -2.77 -16.70
C MET B 181 12.07 -1.93 -17.83
N TYR B 182 11.11 -2.48 -18.53
CA TYR B 182 10.63 -1.89 -19.77
C TYR B 182 9.13 -1.88 -19.84
N ASN B 183 8.56 -0.83 -20.43
CA ASN B 183 7.13 -0.83 -20.77
C ASN B 183 6.72 0.10 -21.93
N THR B 184 6.29 -0.48 -23.05
CA THR B 184 5.96 0.31 -24.24
C THR B 184 4.68 1.10 -24.08
N ASP B 185 4.50 2.06 -24.99
CA ASP B 185 3.36 2.96 -25.00
C ASP B 185 2.01 2.30 -25.27
N ASP B 186 1.99 1.33 -26.21
CA ASP B 186 0.76 0.63 -26.59
C ASP B 186 0.35 -0.31 -25.44
N SER B 187 1.28 -0.68 -24.56
CA SER B 187 0.94 -1.37 -23.31
C SER B 187 0.23 -0.45 -22.30
N ILE B 188 0.87 0.67 -21.98
CA ILE B 188 0.32 1.71 -21.09
C ILE B 188 -1.05 2.17 -21.61
N ARG B 189 -1.11 2.45 -22.92
CA ARG B 189 -2.27 2.96 -23.64
C ARG B 189 -3.44 1.97 -23.61
N ASP B 190 -3.19 0.70 -23.99
CA ASP B 190 -4.21 -0.38 -23.90
C ASP B 190 -4.82 -0.47 -22.49
N PHE B 191 -3.95 -0.58 -21.50
CA PHE B 191 -4.33 -0.57 -20.09
C PHE B 191 -5.24 0.62 -19.74
N ALA B 192 -4.92 1.80 -20.25
CA ALA B 192 -5.78 2.98 -20.04
C ALA B 192 -7.12 2.82 -20.66
N ARG B 193 -7.15 2.48 -21.96
CA ARG B 193 -8.40 2.25 -22.68
C ARG B 193 -9.34 1.35 -21.92
N SER B 194 -8.87 0.18 -21.48
CA SER B 194 -9.69 -0.70 -20.63
C SER B 194 -10.34 0.08 -19.49
N CYS B 195 -9.52 0.59 -18.55
CA CYS B 195 -10.05 1.38 -17.42
C CYS B 195 -11.17 2.34 -17.86
N PHE B 196 -10.91 3.12 -18.90
CA PHE B 196 -11.86 4.11 -19.36
C PHE B 196 -13.18 3.42 -19.72
N GLU B 197 -13.09 2.30 -20.44
CA GLU B 197 -14.31 1.59 -20.92
C GLU B 197 -15.09 0.88 -19.82
N PHE B 198 -14.38 0.38 -18.81
CA PHE B 198 -14.99 -0.32 -17.71
C PHE B 198 -15.62 0.61 -16.66
N ALA B 199 -14.96 1.75 -16.42
CA ALA B 199 -15.49 2.78 -15.50
C ALA B 199 -16.75 3.42 -16.14
N LEU B 200 -16.66 3.62 -17.45
CA LEU B 200 -17.75 4.15 -18.25
C LEU B 200 -18.93 3.20 -18.21
N ALA B 201 -18.66 1.89 -18.29
CA ALA B 201 -19.72 0.86 -18.30
C ALA B 201 -20.33 0.63 -16.91
N ARG B 202 -19.50 0.65 -15.86
CA ARG B 202 -20.00 0.60 -14.49
C ARG B 202 -20.54 1.96 -13.99
N LYS B 203 -20.65 2.96 -14.86
CA LYS B 203 -21.19 4.28 -14.51
C LYS B 203 -20.39 5.05 -13.43
N TRP B 204 -19.16 4.62 -13.09
CA TRP B 204 -18.38 5.23 -12.01
C TRP B 204 -17.18 6.05 -12.52
N PRO B 205 -16.60 6.95 -11.66
CA PRO B 205 -15.40 7.69 -12.04
C PRO B 205 -14.10 6.92 -11.79
N LEU B 206 -13.03 7.47 -12.38
CA LEU B 206 -11.76 6.78 -12.56
C LEU B 206 -10.64 7.53 -11.85
N TYR B 207 -9.77 6.78 -11.17
CA TYR B 207 -8.56 7.33 -10.58
C TYR B 207 -7.36 6.55 -11.08
N LEU B 208 -6.31 7.25 -11.51
CA LEU B 208 -5.01 6.65 -11.76
C LEU B 208 -4.25 6.71 -10.43
N SER B 209 -3.07 6.06 -10.36
CA SER B 209 -2.01 6.45 -9.42
C SER B 209 -0.63 5.90 -9.78
N THR B 210 0.38 6.76 -9.61
CA THR B 210 1.79 6.41 -9.75
C THR B 210 2.71 7.35 -8.92
N LYS B 211 4.03 7.20 -9.10
CA LYS B 211 5.03 8.10 -8.50
C LYS B 211 5.97 8.68 -9.57
N ASN B 212 5.42 9.62 -10.33
CA ASN B 212 6.18 10.37 -11.33
C ASN B 212 7.18 11.39 -10.75
N THR B 213 6.98 11.78 -9.49
CA THR B 213 7.89 12.67 -8.79
C THR B 213 9.31 12.15 -8.83
N ILE B 214 9.47 10.89 -8.44
CA ILE B 214 10.78 10.22 -8.36
C ILE B 214 10.89 9.14 -9.47
N LEU B 215 10.02 9.23 -10.46
CA LEU B 215 10.27 8.56 -11.72
C LEU B 215 9.63 9.40 -12.84
N LYS B 216 10.33 10.47 -13.18
CA LYS B 216 9.80 11.56 -14.01
C LYS B 216 9.50 11.16 -15.43
N HIS B 217 10.32 10.30 -16.04
CA HIS B 217 10.03 9.77 -17.38
C HIS B 217 9.06 8.57 -17.35
N TYR B 218 9.46 7.48 -16.69
CA TYR B 218 8.67 6.24 -16.61
C TYR B 218 7.22 6.51 -16.22
N ASP B 219 7.06 7.09 -15.05
CA ASP B 219 5.73 7.30 -14.48
C ASP B 219 5.10 8.60 -14.97
N GLY B 220 5.89 9.48 -15.59
CA GLY B 220 5.34 10.64 -16.33
C GLY B 220 4.53 10.23 -17.56
N ARG B 221 4.98 9.16 -18.20
CA ARG B 221 4.32 8.54 -19.35
C ARG B 221 2.91 8.00 -19.10
N PHE B 222 2.68 7.53 -17.88
CA PHE B 222 1.36 7.07 -17.43
C PHE B 222 0.40 8.23 -17.21
N LYS B 223 0.87 9.23 -16.45
CA LYS B 223 0.07 10.41 -16.15
C LYS B 223 -0.39 10.99 -17.45
N ASP B 224 0.59 11.22 -18.33
CA ASP B 224 0.38 11.75 -19.67
C ASP B 224 -0.71 10.97 -20.38
N ILE B 225 -0.38 9.77 -20.85
CA ILE B 225 -1.28 8.91 -21.66
C ILE B 225 -2.77 8.93 -21.18
N PHE B 226 -2.96 8.66 -19.92
CA PHE B 226 -4.28 8.71 -19.38
C PHE B 226 -5.01 10.05 -19.54
N ALA B 227 -4.30 11.15 -19.32
CA ALA B 227 -4.95 12.48 -19.25
C ALA B 227 -5.27 13.01 -20.64
N GLU B 228 -4.40 12.72 -21.61
CA GLU B 228 -4.66 13.08 -23.00
C GLU B 228 -5.79 12.24 -23.55
N MET B 229 -5.65 10.91 -23.46
CA MET B 229 -6.70 9.96 -23.86
C MET B 229 -8.04 10.26 -23.21
N TYR B 230 -8.02 10.68 -21.96
CA TYR B 230 -9.23 11.13 -21.32
C TYR B 230 -9.80 12.29 -22.14
N LYS B 231 -9.04 13.38 -22.26
CA LYS B 231 -9.52 14.56 -23.00
C LYS B 231 -9.64 14.39 -24.52
N ALA B 232 -9.03 13.34 -25.07
CA ALA B 232 -9.19 12.95 -26.47
C ALA B 232 -10.43 12.08 -26.74
N LEU B 233 -10.56 10.98 -25.99
CA LEU B 233 -11.52 9.89 -26.32
C LEU B 233 -12.68 9.67 -25.31
N TYR B 234 -12.67 10.35 -24.16
CA TYR B 234 -13.65 10.03 -23.11
C TYR B 234 -14.30 11.27 -22.45
N GLU B 235 -13.48 12.12 -21.84
CA GLU B 235 -13.84 13.49 -21.37
C GLU B 235 -15.33 13.91 -21.44
N THR B 236 -15.86 14.02 -22.65
CA THR B 236 -17.24 14.49 -22.84
C THR B 236 -18.29 13.46 -22.33
N LYS B 237 -18.04 12.17 -22.58
CA LYS B 237 -18.98 11.08 -22.22
C LYS B 237 -18.92 10.85 -20.73
N PHE B 238 -17.70 10.87 -20.23
CA PHE B 238 -17.43 10.88 -18.81
C PHE B 238 -18.13 12.08 -18.14
N LYS B 239 -18.11 13.23 -18.82
CA LYS B 239 -18.92 14.37 -18.40
C LYS B 239 -20.41 14.03 -18.50
N THR B 240 -20.84 13.48 -19.63
CA THR B 240 -22.23 13.05 -19.85
C THR B 240 -22.82 12.21 -18.71
N CYS B 241 -22.09 11.17 -18.32
CA CYS B 241 -22.53 10.27 -17.22
C CYS B 241 -22.00 10.66 -15.82
N GLY B 242 -21.67 11.96 -15.65
CA GLY B 242 -21.30 12.53 -14.36
C GLY B 242 -20.11 11.91 -13.65
N ILE B 243 -19.04 11.63 -14.38
CA ILE B 243 -17.92 10.86 -13.85
C ILE B 243 -16.56 11.38 -14.34
N PHE B 244 -15.85 12.09 -13.49
CA PHE B 244 -14.46 12.55 -13.78
C PHE B 244 -13.36 11.46 -14.04
N TYR B 245 -12.18 11.94 -14.43
CA TYR B 245 -10.92 11.20 -14.33
C TYR B 245 -9.82 12.08 -13.71
N GLU B 246 -9.32 11.67 -12.54
CA GLU B 246 -8.31 12.43 -11.79
C GLU B 246 -7.16 11.49 -11.41
N HIS B 247 -5.94 11.92 -11.73
CA HIS B 247 -4.71 11.24 -11.32
C HIS B 247 -4.24 11.81 -9.99
N ARG B 248 -3.81 10.91 -9.10
CA ARG B 248 -3.17 11.28 -7.83
C ARG B 248 -1.92 10.44 -7.65
N LEU B 249 -0.96 10.96 -6.89
CA LEU B 249 0.25 10.21 -6.55
C LEU B 249 -0.15 8.94 -5.78
N ILE B 250 0.64 7.88 -5.92
CA ILE B 250 0.42 6.63 -5.15
C ILE B 250 0.39 6.92 -3.63
N ASP B 251 1.29 7.79 -3.19
CA ASP B 251 1.35 8.35 -1.84
C ASP B 251 -0.02 8.85 -1.36
N ASP B 252 -0.61 9.68 -2.21
CA ASP B 252 -1.95 10.22 -2.02
C ASP B 252 -3.01 9.11 -2.14
N MET B 253 -2.82 8.17 -3.06
CA MET B 253 -3.87 7.20 -3.40
C MET B 253 -3.99 5.96 -2.48
N VAL B 254 -2.90 5.47 -1.89
CA VAL B 254 -3.03 4.44 -0.83
C VAL B 254 -3.72 4.98 0.42
N ALA B 255 -3.55 6.28 0.65
CA ALA B 255 -4.26 7.02 1.70
C ALA B 255 -5.71 7.27 1.33
N HIS B 256 -5.94 7.67 0.09
CA HIS B 256 -7.29 7.91 -0.39
C HIS B 256 -8.17 6.63 -0.38
N CYS B 257 -7.55 5.49 -0.67
CA CYS B 257 -8.17 4.17 -0.48
C CYS B 257 -8.57 3.97 0.98
N MET B 258 -7.66 4.32 1.88
CA MET B 258 -7.87 4.26 3.33
C MET B 258 -9.04 5.14 3.78
N ARG B 259 -8.99 6.41 3.38
CA ARG B 259 -9.87 7.46 3.92
C ARG B 259 -11.14 7.74 3.13
N SER B 260 -11.15 7.47 1.81
CA SER B 260 -12.29 7.82 0.96
C SER B 260 -13.49 6.86 1.10
N GLU B 261 -14.64 7.38 0.68
CA GLU B 261 -15.97 6.74 0.81
C GLU B 261 -16.14 5.42 0.05
N GLY B 262 -15.45 5.28 -1.10
CA GLY B 262 -15.59 4.09 -1.95
C GLY B 262 -16.65 4.28 -3.01
N GLY B 263 -16.54 3.52 -4.12
CA GLY B 263 -17.49 3.59 -5.27
C GLY B 263 -16.92 4.03 -6.63
N TYR B 264 -15.64 3.72 -6.84
CA TYR B 264 -14.87 4.22 -7.98
C TYR B 264 -13.92 3.11 -8.47
N VAL B 265 -13.36 3.34 -9.64
CA VAL B 265 -12.36 2.41 -10.18
C VAL B 265 -11.02 3.03 -9.83
N TRP B 266 -10.02 2.18 -9.57
CA TRP B 266 -8.70 2.67 -9.34
C TRP B 266 -7.73 1.94 -10.22
N ALA B 267 -7.03 2.70 -11.05
CA ALA B 267 -5.93 2.22 -11.87
C ALA B 267 -4.56 2.42 -11.16
N CYS B 268 -3.89 1.29 -10.88
CA CYS B 268 -2.54 1.24 -10.34
C CYS B 268 -1.68 0.47 -11.35
N LYS B 269 -0.38 0.73 -11.36
CA LYS B 269 0.53 0.03 -12.27
C LYS B 269 0.75 -1.41 -11.84
N ASN B 270 1.34 -2.20 -12.74
CA ASN B 270 1.54 -3.66 -12.59
C ASN B 270 1.98 -4.13 -11.18
N TYR B 271 3.00 -3.47 -10.62
CA TYR B 271 3.49 -3.77 -9.27
C TYR B 271 2.47 -3.41 -8.21
N ASP B 272 2.07 -2.14 -8.23
CA ASP B 272 1.15 -1.55 -7.25
C ASP B 272 -0.13 -2.38 -7.04
N GLY B 273 -0.65 -2.93 -8.14
CA GLY B 273 -1.89 -3.69 -8.14
C GLY B 273 -1.79 -5.06 -7.51
N ASP B 274 -0.64 -5.71 -7.66
CA ASP B 274 -0.39 -6.97 -6.96
C ASP B 274 -0.32 -6.70 -5.46
N VAL B 275 0.37 -5.62 -5.11
CA VAL B 275 0.55 -5.22 -3.71
C VAL B 275 -0.81 -4.97 -3.04
N GLN B 276 -1.66 -4.18 -3.70
CA GLN B 276 -2.88 -3.60 -3.08
C GLN B 276 -4.20 -4.35 -3.37
N SER B 277 -4.19 -5.32 -4.28
CA SER B 277 -5.37 -6.20 -4.51
C SER B 277 -5.39 -7.35 -3.50
N ASP B 278 -4.20 -7.84 -3.16
CA ASP B 278 -4.03 -8.78 -2.03
C ASP B 278 -4.31 -8.09 -0.68
N SER B 279 -4.13 -6.76 -0.66
CA SER B 279 -4.55 -5.91 0.47
C SER B 279 -6.06 -5.95 0.69
N LEU B 280 -6.82 -5.58 -0.33
CA LEU B 280 -8.29 -5.48 -0.24
C LEU B 280 -9.01 -6.85 -0.24
N ALA B 281 -8.28 -7.94 -0.47
CA ALA B 281 -8.84 -9.31 -0.41
C ALA B 281 -9.17 -9.77 1.02
N GLN B 282 -8.28 -9.43 1.96
CA GLN B 282 -8.54 -9.60 3.40
C GLN B 282 -9.49 -8.49 3.93
N GLY B 283 -9.32 -7.28 3.40
CA GLY B 283 -9.99 -6.08 3.91
C GLY B 283 -11.51 -5.94 3.75
N PHE B 284 -12.00 -6.12 2.53
CA PHE B 284 -13.44 -5.96 2.24
C PHE B 284 -14.32 -7.11 2.76
N GLY B 285 -13.72 -8.27 3.07
CA GLY B 285 -14.44 -9.41 3.66
C GLY B 285 -13.65 -10.70 3.66
N SER B 286 -13.96 -11.57 2.68
CA SER B 286 -13.28 -12.87 2.48
C SER B 286 -13.13 -13.17 0.97
N LEU B 287 -12.26 -14.12 0.64
CA LEU B 287 -12.25 -14.71 -0.71
C LEU B 287 -13.49 -15.63 -0.82
N GLY B 288 -14.25 -15.45 -1.90
CA GLY B 288 -15.65 -15.87 -1.95
C GLY B 288 -16.57 -14.67 -1.92
N MET B 289 -16.03 -13.46 -1.70
CA MET B 289 -16.76 -12.18 -1.89
C MET B 289 -16.33 -11.23 -3.04
N MET B 290 -15.13 -11.41 -3.60
CA MET B 290 -14.71 -10.68 -4.81
C MET B 290 -15.04 -11.47 -6.11
N THR B 291 -15.22 -10.73 -7.21
CA THR B 291 -15.17 -11.28 -8.56
C THR B 291 -13.94 -10.73 -9.31
N SER B 292 -13.76 -11.16 -10.57
CA SER B 292 -12.63 -10.77 -11.40
C SER B 292 -13.12 -10.66 -12.84
N ILE B 293 -12.93 -9.47 -13.42
CA ILE B 293 -13.58 -9.08 -14.69
C ILE B 293 -12.56 -8.60 -15.74
N LEU B 294 -12.20 -9.51 -16.65
CA LEU B 294 -11.26 -9.20 -17.70
C LEU B 294 -11.99 -8.41 -18.76
N MET B 295 -11.74 -7.12 -18.86
CA MET B 295 -12.30 -6.33 -19.96
C MET B 295 -11.25 -6.06 -21.01
N THR B 296 -11.69 -5.94 -22.25
CA THR B 296 -10.77 -5.64 -23.33
C THR B 296 -10.70 -4.11 -23.52
N PRO B 297 -9.54 -3.58 -23.96
CA PRO B 297 -9.36 -2.15 -24.33
C PRO B 297 -10.28 -1.56 -25.46
N ASP B 298 -10.87 -2.43 -26.30
CA ASP B 298 -12.01 -2.03 -27.14
C ASP B 298 -13.28 -1.79 -26.32
N GLY B 299 -13.35 -2.40 -25.13
CA GLY B 299 -14.52 -2.31 -24.26
C GLY B 299 -15.73 -3.13 -24.69
N LYS B 300 -15.52 -4.01 -25.68
CA LYS B 300 -16.58 -4.80 -26.28
C LYS B 300 -16.58 -6.21 -25.75
N THR B 301 -15.63 -6.56 -24.88
CA THR B 301 -15.46 -7.95 -24.39
C THR B 301 -15.16 -8.14 -22.88
N VAL B 302 -15.83 -9.13 -22.31
CA VAL B 302 -15.80 -9.42 -20.90
C VAL B 302 -15.68 -10.94 -20.63
N GLU B 303 -14.82 -11.27 -19.66
CA GLU B 303 -14.87 -12.57 -18.99
C GLU B 303 -14.93 -12.26 -17.53
N VAL B 304 -16.08 -12.61 -16.90
CA VAL B 304 -16.22 -12.51 -15.44
C VAL B 304 -16.05 -13.88 -14.78
N GLU B 305 -15.65 -13.84 -13.52
CA GLU B 305 -15.41 -15.04 -12.71
C GLU B 305 -15.26 -14.66 -11.24
N ALA B 306 -15.28 -15.65 -10.35
CA ALA B 306 -15.02 -15.40 -8.94
C ALA B 306 -13.52 -15.24 -8.78
N ALA B 307 -13.13 -14.37 -7.85
CA ALA B 307 -11.72 -14.12 -7.58
C ALA B 307 -11.06 -15.31 -6.87
N HIS B 308 -11.81 -15.93 -5.96
CA HIS B 308 -11.37 -17.13 -5.22
C HIS B 308 -11.23 -18.35 -6.11
N GLY B 309 -10.54 -19.35 -5.60
CA GLY B 309 -10.12 -20.47 -6.42
C GLY B 309 -11.15 -21.58 -6.62
N THR B 310 -10.63 -22.73 -7.03
CA THR B 310 -11.41 -23.89 -7.43
C THR B 310 -11.38 -24.78 -6.21
N VAL B 311 -12.14 -24.35 -5.19
CA VAL B 311 -11.79 -24.61 -3.77
C VAL B 311 -11.79 -26.09 -3.32
N THR B 312 -10.59 -26.69 -3.35
CA THR B 312 -10.43 -28.15 -3.24
C THR B 312 -10.64 -28.58 -1.79
N ARG B 313 -10.03 -27.80 -0.90
CA ARG B 313 -10.13 -28.02 0.55
C ARG B 313 -11.53 -28.44 0.99
N HIS B 314 -12.56 -27.87 0.38
CA HIS B 314 -13.93 -28.28 0.62
C HIS B 314 -14.29 -29.53 -0.17
N TYR B 315 -13.85 -29.60 -1.43
CA TYR B 315 -14.28 -30.68 -2.33
C TYR B 315 -14.02 -32.11 -1.81
N ARG B 316 -13.02 -32.26 -0.95
CA ARG B 316 -12.82 -33.48 -0.12
C ARG B 316 -14.12 -34.13 0.32
N ASP B 317 -14.92 -33.33 1.01
CA ASP B 317 -16.12 -33.78 1.71
C ASP B 317 -17.20 -34.03 0.67
N TYR B 318 -17.56 -32.96 -0.06
CA TYR B 318 -18.70 -32.90 -0.98
C TYR B 318 -19.74 -34.01 -0.75
N GLN B 319 -19.47 -35.21 -1.27
CA GLN B 319 -20.23 -36.41 -0.94
C GLN B 319 -19.33 -37.62 -0.60
N LYS B 320 -18.06 -37.38 -0.29
CA LYS B 320 -17.28 -38.26 0.59
C LYS B 320 -17.92 -38.19 1.99
N GLY B 321 -18.80 -37.22 2.21
CA GLY B 321 -19.88 -37.39 3.17
C GLY B 321 -20.19 -36.12 3.93
N LYS B 322 -19.15 -35.50 4.47
CA LYS B 322 -19.25 -34.36 5.39
C LYS B 322 -19.85 -33.13 4.68
N GLU B 323 -20.67 -32.37 5.42
CA GLU B 323 -21.29 -31.14 4.90
C GLU B 323 -20.26 -30.04 4.74
N THR B 324 -20.52 -29.12 3.81
CA THR B 324 -19.62 -28.00 3.50
C THR B 324 -20.42 -26.76 3.19
N SER B 325 -19.93 -25.61 3.66
CA SER B 325 -20.60 -24.31 3.49
C SER B 325 -19.76 -23.28 2.71
N THR B 326 -19.03 -23.78 1.70
CA THR B 326 -18.36 -22.94 0.71
C THR B 326 -19.32 -21.81 0.31
N ASN B 327 -18.79 -20.59 0.19
CA ASN B 327 -19.56 -19.37 -0.12
C ASN B 327 -19.87 -19.28 -1.62
N PRO B 328 -21.15 -19.35 -2.01
CA PRO B 328 -21.43 -19.24 -3.42
C PRO B 328 -21.49 -17.82 -3.94
N VAL B 329 -21.50 -16.82 -3.06
CA VAL B 329 -21.96 -15.48 -3.49
C VAL B 329 -21.08 -14.88 -4.58
N ALA B 330 -19.77 -15.12 -4.51
CA ALA B 330 -18.86 -14.74 -5.58
C ALA B 330 -19.16 -15.53 -6.87
N SER B 331 -19.52 -16.80 -6.74
CA SER B 331 -19.92 -17.63 -7.90
C SER B 331 -21.23 -17.17 -8.53
N ILE B 332 -22.14 -16.63 -7.72
CA ILE B 332 -23.43 -16.13 -8.28
C ILE B 332 -23.19 -14.81 -8.99
N PHE B 333 -22.50 -13.92 -8.26
CA PHE B 333 -21.99 -12.65 -8.76
C PHE B 333 -20.97 -12.81 -9.88
N ALA B 334 -20.54 -14.03 -10.16
CA ALA B 334 -20.00 -14.26 -11.47
C ALA B 334 -21.16 -14.03 -12.47
N TRP B 335 -22.23 -14.81 -12.34
CA TRP B 335 -23.28 -14.82 -13.36
C TRP B 335 -24.01 -13.53 -13.42
N THR B 336 -24.38 -12.96 -12.25
CA THR B 336 -25.21 -11.75 -12.30
C THR B 336 -24.49 -10.70 -13.11
N ARG B 337 -23.21 -10.48 -12.77
CA ARG B 337 -22.43 -9.50 -13.52
C ARG B 337 -22.35 -9.80 -15.03
N ALA B 338 -21.92 -11.01 -15.37
CA ALA B 338 -21.83 -11.45 -16.77
C ALA B 338 -23.11 -11.10 -17.50
N LEU B 339 -24.22 -11.58 -16.95
CA LEU B 339 -25.54 -11.35 -17.53
C LEU B 339 -25.78 -9.87 -17.75
N ALA B 340 -25.34 -9.07 -16.79
CA ALA B 340 -25.42 -7.62 -16.90
C ALA B 340 -24.71 -7.08 -18.16
N HIS B 341 -23.41 -7.35 -18.36
CA HIS B 341 -22.76 -6.87 -19.60
C HIS B 341 -23.43 -7.45 -20.84
N ARG B 342 -24.12 -8.57 -20.70
CA ARG B 342 -24.92 -9.12 -21.78
C ARG B 342 -26.12 -8.31 -21.91
N ALA B 343 -26.67 -7.94 -20.80
CA ALA B 343 -27.84 -7.11 -20.77
C ALA B 343 -27.60 -5.72 -21.26
N ARG B 344 -26.53 -5.11 -20.80
CA ARG B 344 -26.20 -3.76 -21.13
C ARG B 344 -26.01 -3.54 -22.57
N VAL B 345 -25.30 -4.47 -23.13
CA VAL B 345 -24.96 -4.53 -24.53
C VAL B 345 -26.10 -4.75 -25.48
N ASP B 346 -27.02 -5.59 -25.07
CA ASP B 346 -28.15 -5.91 -25.88
C ASP B 346 -29.23 -4.88 -25.64
N ASN B 347 -28.92 -3.85 -24.85
CA ASN B 347 -29.83 -2.77 -24.46
C ASN B 347 -30.70 -3.44 -23.45
N ASN B 348 -31.34 -4.50 -23.88
CA ASN B 348 -32.06 -5.31 -22.90
C ASN B 348 -32.06 -4.75 -21.47
N ASN B 349 -33.19 -4.21 -21.07
CA ASN B 349 -33.30 -3.58 -19.78
C ASN B 349 -33.90 -4.54 -18.77
N THR B 350 -34.38 -5.69 -19.24
CA THR B 350 -35.26 -6.57 -18.47
C THR B 350 -34.46 -7.59 -17.65
N LEU B 351 -33.43 -8.14 -18.30
CA LEU B 351 -32.46 -9.01 -17.67
C LEU B 351 -31.66 -8.17 -16.68
N LEU B 352 -31.33 -6.95 -17.08
CA LEU B 352 -30.53 -6.04 -16.26
C LEU B 352 -31.19 -5.81 -14.91
N GLU B 353 -32.48 -5.44 -14.99
CA GLU B 353 -33.34 -5.22 -13.82
C GLU B 353 -33.41 -6.48 -12.96
N PHE B 354 -33.32 -7.65 -13.61
CA PHE B 354 -33.26 -8.97 -12.93
C PHE B 354 -31.91 -9.32 -12.27
N THR B 355 -30.80 -8.99 -12.92
CA THR B 355 -29.48 -9.18 -12.32
C THR B 355 -29.31 -8.26 -11.09
N GLN B 356 -29.76 -7.03 -11.29
CA GLN B 356 -29.98 -6.08 -10.20
C GLN B 356 -30.81 -6.74 -9.08
N ARG B 357 -31.91 -7.41 -9.43
CA ARG B 357 -32.75 -8.13 -8.45
C ARG B 357 -31.96 -9.16 -7.64
N LEU B 358 -31.43 -10.17 -8.32
CA LEU B 358 -30.77 -11.26 -7.66
C LEU B 358 -29.69 -10.69 -6.73
N GLU B 359 -28.76 -9.90 -7.27
CA GLU B 359 -27.71 -9.25 -6.46
C GLU B 359 -28.27 -8.64 -5.17
N ASP B 360 -29.22 -7.71 -5.28
CA ASP B 360 -29.82 -7.06 -4.10
C ASP B 360 -30.42 -8.06 -3.08
N VAL B 361 -30.99 -9.15 -3.62
CA VAL B 361 -31.60 -10.23 -2.81
C VAL B 361 -30.57 -11.09 -2.07
N ILE B 362 -29.38 -11.22 -2.65
CA ILE B 362 -28.30 -11.93 -1.98
C ILE B 362 -27.73 -11.04 -0.87
N ILE B 363 -27.69 -9.72 -1.10
CA ILE B 363 -27.24 -8.73 -0.10
C ILE B 363 -28.20 -8.79 1.07
N ALA B 364 -29.48 -8.59 0.74
CA ALA B 364 -30.63 -8.60 1.67
C ALA B 364 -30.75 -9.86 2.51
N THR B 365 -30.36 -10.99 1.92
CA THR B 365 -30.37 -12.28 2.61
C THR B 365 -29.36 -12.36 3.76
N ILE B 366 -28.17 -11.80 3.53
CA ILE B 366 -27.05 -11.82 4.50
C ILE B 366 -27.28 -10.77 5.58
N GLU B 367 -27.61 -9.59 5.15
CA GLU B 367 -27.88 -8.53 6.08
C GLU B 367 -29.05 -8.96 6.93
N ALA B 368 -29.86 -9.84 6.38
CA ALA B 368 -31.05 -10.38 6.99
C ALA B 368 -30.73 -11.51 7.95
N GLY B 369 -29.45 -11.77 8.16
CA GLY B 369 -28.99 -12.76 9.12
C GLY B 369 -28.77 -14.21 8.82
N ALA B 370 -29.05 -14.62 7.59
CA ALA B 370 -28.88 -15.99 7.15
C ALA B 370 -27.70 -15.80 6.33
N MET B 371 -26.66 -16.58 6.55
CA MET B 371 -25.45 -16.40 5.80
C MET B 371 -24.67 -17.68 5.83
N THR B 372 -23.58 -17.75 5.10
CA THR B 372 -22.75 -18.93 5.10
C THR B 372 -21.85 -19.02 6.29
N GLU B 373 -21.15 -20.13 6.40
CA GLU B 373 -20.25 -20.27 7.54
C GLU B 373 -19.14 -19.24 7.52
N ASP B 374 -18.59 -19.02 6.32
CA ASP B 374 -17.42 -18.15 6.11
C ASP B 374 -17.65 -16.74 6.67
N LEU B 375 -18.81 -16.18 6.42
CA LEU B 375 -19.14 -14.86 6.95
C LEU B 375 -19.49 -14.95 8.43
N ALA B 376 -20.13 -16.06 8.83
CA ALA B 376 -20.44 -16.27 10.25
C ALA B 376 -19.20 -16.24 11.18
N ILE B 377 -17.99 -16.45 10.64
CA ILE B 377 -16.75 -16.22 11.43
C ILE B 377 -16.42 -14.72 11.56
N CYS B 378 -16.72 -13.95 10.52
CA CYS B 378 -16.44 -12.52 10.51
C CYS B 378 -17.39 -11.76 11.42
N ILE B 379 -18.67 -12.10 11.40
CA ILE B 379 -19.69 -11.34 12.11
C ILE B 379 -19.42 -11.40 13.62
N LYS B 380 -19.12 -12.60 14.13
CA LYS B 380 -18.61 -12.74 15.50
C LYS B 380 -17.91 -14.09 15.74
N GLY B 381 -16.65 -14.03 16.12
CA GLY B 381 -15.94 -15.13 16.74
C GLY B 381 -15.43 -16.19 15.79
N GLU B 382 -14.15 -16.55 15.94
CA GLU B 382 -13.58 -17.72 15.30
C GLU B 382 -13.93 -18.96 16.10
N LYS B 383 -13.77 -18.87 17.43
CA LYS B 383 -13.88 -20.00 18.36
C LYS B 383 -15.29 -20.28 18.89
N ASN B 384 -16.24 -19.37 18.62
CA ASN B 384 -17.62 -19.54 19.07
C ASN B 384 -18.63 -19.18 17.98
N VAL B 385 -18.73 -20.07 17.00
CA VAL B 385 -19.83 -20.10 16.03
C VAL B 385 -20.28 -21.54 15.86
N VAL B 386 -21.52 -21.80 16.25
CA VAL B 386 -22.19 -23.08 16.00
C VAL B 386 -23.14 -22.92 14.80
N ARG B 387 -23.75 -24.03 14.37
CA ARG B 387 -24.69 -24.01 13.23
C ARG B 387 -26.06 -23.46 13.64
N ALA B 388 -26.09 -22.21 14.10
CA ALA B 388 -27.30 -21.62 14.69
C ALA B 388 -28.25 -21.16 13.60
N ASP B 389 -27.90 -20.06 12.95
CA ASP B 389 -28.67 -19.51 11.81
C ASP B 389 -27.86 -19.37 10.50
N TYR B 390 -26.62 -19.89 10.48
CA TYR B 390 -25.80 -19.91 9.26
C TYR B 390 -26.15 -21.20 8.52
N LEU B 391 -26.10 -21.12 7.19
CA LEU B 391 -26.58 -22.21 6.33
C LEU B 391 -25.46 -23.03 5.67
N ASN B 392 -25.87 -24.20 5.18
CA ASN B 392 -25.15 -24.95 4.17
C ASN B 392 -25.13 -24.13 2.86
N THR B 393 -24.18 -24.43 1.98
CA THR B 393 -24.15 -23.85 0.63
C THR B 393 -25.54 -23.90 0.02
N ASP B 394 -26.18 -25.06 0.11
CA ASP B 394 -27.44 -25.34 -0.58
C ASP B 394 -28.62 -24.65 0.10
N GLU B 395 -28.74 -24.85 1.42
CA GLU B 395 -29.73 -24.14 2.22
C GLU B 395 -29.66 -22.63 2.01
N PHE B 396 -28.43 -22.11 1.88
CA PHE B 396 -28.20 -20.69 1.60
C PHE B 396 -28.75 -20.26 0.24
N ILE B 397 -28.42 -21.03 -0.78
CA ILE B 397 -28.84 -20.70 -2.15
C ILE B 397 -30.39 -20.80 -2.24
N ASP B 398 -30.97 -21.70 -1.44
CA ASP B 398 -32.43 -21.82 -1.32
C ASP B 398 -33.00 -20.56 -0.67
N ALA B 399 -32.38 -20.11 0.41
CA ALA B 399 -32.85 -18.94 1.18
C ALA B 399 -33.03 -17.70 0.29
N VAL B 400 -32.03 -17.43 -0.57
CA VAL B 400 -32.20 -16.38 -1.58
C VAL B 400 -33.25 -16.88 -2.57
N SER B 401 -33.10 -18.11 -3.07
CA SER B 401 -34.01 -18.66 -4.09
C SER B 401 -35.48 -18.28 -3.80
N GLN B 402 -35.89 -18.52 -2.56
CA GLN B 402 -37.24 -18.18 -2.10
C GLN B 402 -37.47 -16.66 -1.99
N ARG B 403 -36.44 -15.97 -1.51
CA ARG B 403 -36.42 -14.51 -1.44
C ARG B 403 -36.44 -13.78 -2.80
N LEU B 404 -35.97 -14.45 -3.84
CA LEU B 404 -36.02 -13.91 -5.18
C LEU B 404 -37.39 -14.20 -5.77
N LYS B 405 -37.95 -15.35 -5.43
CA LYS B 405 -39.25 -15.74 -5.97
C LYS B 405 -40.38 -14.81 -5.45
N VAL B 406 -40.17 -14.17 -4.31
CA VAL B 406 -41.04 -13.08 -3.85
C VAL B 406 -40.76 -11.73 -4.54
N ALA B 407 -39.47 -11.44 -4.78
CA ALA B 407 -39.08 -10.22 -5.49
C ALA B 407 -39.56 -10.25 -6.93
N MET B 408 -39.47 -11.43 -7.56
CA MET B 408 -40.13 -11.69 -8.85
C MET B 408 -41.62 -11.26 -8.75
N GLN B 409 -42.28 -11.75 -7.70
CA GLN B 409 -43.71 -11.52 -7.45
C GLN B 409 -44.09 -10.06 -7.21
N LYS B 410 -43.52 -9.47 -6.16
CA LYS B 410 -44.01 -8.22 -5.60
C LYS B 410 -43.83 -7.04 -6.58
N SER B 411 -42.80 -7.13 -7.41
CA SER B 411 -42.51 -6.12 -8.41
C SER B 411 -43.65 -5.93 -9.40
N LYS B 412 -44.13 -7.03 -10.01
CA LYS B 412 -45.01 -6.96 -11.19
C LYS B 412 -46.48 -6.57 -10.85
N VAL B 413 -47.29 -7.52 -10.37
CA VAL B 413 -48.72 -7.26 -10.12
C VAL B 413 -48.91 -6.86 -8.66
#